data_1HGW
#
_entry.id   1HGW
#
_cell.length_a   48.630
_cell.length_b   74.720
_cell.length_c   91.440
_cell.angle_alpha   90.00
_cell.angle_beta   103.64
_cell.angle_gamma   90.00
#
_symmetry.space_group_name_H-M   'P 1 21 1'
#
loop_
_entity.id
_entity.type
_entity.pdbx_description
1 polymer 'CELLOBIOHYDROLASE CEL6A (FORMERLY CALLED CBH II)'
2 non-polymer 2-acetamido-2-deoxy-beta-D-glucopyranose
3 non-polymer alpha-D-mannopyranose
4 non-polymer 'COBALT (II) ION'
5 water water
#
_entity_poly.entity_id   1
_entity_poly.type   'polypeptide(L)'
_entity_poly.pdbx_seq_one_letter_code
;SGTATYSGNPFVGVTPWANAYYASEVSSLAIPSLTGAMATAAAAVAKVPSFMWLDTLDKTPLMEQTLADIRTANKNGGNY
AGQFVVYDLPDRACAALASNGEYSIADGGVAKYKNYIDTIRQIVVEYSDIRTLLVIEPDSLANLVTNLGTPKCANAQSAY
LECINYAVTQLNLPNVAMYLDAGHAGWLGWPANQDPAAQLFANVYKNASSPRALRGLATNVANYNGWNITSPPSYTQGNA
VYNEKLYIHAIGPLLANHGWSNAFFITDQGRSGKQPTGQQQWGDWCNVIGTGFGIRPSANTGDSLLDSFVWVKPGGECDG
TSDSSAPRFDSHCALPDALQPAPQAGAWFQAYFVQLLTNANPSFL
;
_entity_poly.pdbx_strand_id   A,B
#
# COMPACT_ATOMS: atom_id res chain seq x y z
N THR A 3 -0.83 -6.09 -38.87
CA THR A 3 -1.92 -6.62 -38.00
C THR A 3 -1.81 -6.06 -36.57
N ALA A 4 -0.64 -6.18 -35.97
CA ALA A 4 -0.40 -5.67 -34.61
C ALA A 4 -0.28 -4.15 -34.56
N THR A 5 -1.22 -3.45 -35.19
CA THR A 5 -1.20 -1.99 -35.22
C THR A 5 -1.43 -1.38 -33.84
N TYR A 6 -1.12 -0.10 -33.71
CA TYR A 6 -1.29 0.59 -32.44
C TYR A 6 -1.54 2.08 -32.57
N SER A 7 -2.05 2.67 -31.49
CA SER A 7 -2.32 4.09 -31.45
C SER A 7 -1.67 4.61 -30.17
N GLY A 8 -0.91 5.68 -30.27
CA GLY A 8 -0.25 6.23 -29.10
C GLY A 8 0.93 5.39 -28.65
N ASN A 9 1.19 5.37 -27.34
CA ASN A 9 2.30 4.62 -26.78
C ASN A 9 2.26 3.14 -27.22
N PRO A 10 3.25 2.72 -28.02
CA PRO A 10 3.31 1.34 -28.49
C PRO A 10 3.64 0.30 -27.42
N PHE A 11 3.89 0.76 -26.20
CA PHE A 11 4.21 -0.12 -25.09
C PHE A 11 2.95 -0.46 -24.30
N VAL A 12 1.86 0.23 -24.61
CA VAL A 12 0.58 0.01 -23.94
C VAL A 12 -0.23 -1.01 -24.74
N GLY A 13 -0.80 -1.98 -24.05
CA GLY A 13 -1.60 -2.99 -24.74
C GLY A 13 -0.83 -4.25 -25.08
N VAL A 14 0.49 -4.24 -24.82
CA VAL A 14 1.33 -5.40 -25.09
C VAL A 14 2.31 -5.62 -23.95
N THR A 15 2.96 -6.77 -23.98
CA THR A 15 3.92 -7.14 -22.96
C THR A 15 5.23 -7.49 -23.63
N PRO A 16 6.31 -6.77 -23.29
CA PRO A 16 7.62 -7.04 -23.89
C PRO A 16 8.03 -8.50 -23.70
N TRP A 17 8.50 -9.13 -24.76
CA TRP A 17 8.93 -10.51 -24.71
C TRP A 17 10.33 -10.64 -24.14
N ALA A 18 10.50 -11.55 -23.18
CA ALA A 18 11.81 -11.80 -22.59
C ALA A 18 12.36 -12.90 -23.47
N ASN A 19 13.33 -12.57 -24.32
CA ASN A 19 13.88 -13.53 -25.27
C ASN A 19 14.66 -14.71 -24.70
N ALA A 20 14.69 -15.78 -25.48
CA ALA A 20 15.36 -17.02 -25.10
C ALA A 20 16.88 -16.88 -25.10
N TYR A 21 17.39 -16.00 -25.95
CA TYR A 21 18.83 -15.77 -26.04
C TYR A 21 19.40 -15.36 -24.67
N TYR A 22 18.88 -14.27 -24.13
CA TYR A 22 19.35 -13.77 -22.83
C TYR A 22 19.09 -14.79 -21.72
N ALA A 23 17.90 -15.38 -21.72
CA ALA A 23 17.55 -16.37 -20.70
C ALA A 23 18.56 -17.51 -20.68
N SER A 24 18.99 -17.93 -21.88
CA SER A 24 19.98 -19.00 -21.97
C SER A 24 21.28 -18.60 -21.28
N GLU A 25 21.71 -17.36 -21.51
CA GLU A 25 22.94 -16.86 -20.90
C GLU A 25 22.87 -16.96 -19.37
N VAL A 26 21.80 -16.41 -18.81
CA VAL A 26 21.63 -16.43 -17.36
C VAL A 26 21.50 -17.84 -16.79
N SER A 27 20.65 -18.64 -17.41
CA SER A 27 20.39 -20.01 -16.95
C SER A 27 21.54 -20.98 -17.16
N SER A 28 22.27 -20.84 -18.27
CA SER A 28 23.36 -21.74 -18.58
C SER A 28 24.77 -21.24 -18.27
N LEU A 29 24.96 -19.93 -18.24
CA LEU A 29 26.29 -19.38 -17.96
C LEU A 29 26.41 -18.76 -16.56
N ALA A 30 25.28 -18.34 -16.00
CA ALA A 30 25.31 -17.71 -14.68
C ALA A 30 24.84 -18.57 -13.52
N ILE A 31 23.59 -19.05 -13.59
CA ILE A 31 23.02 -19.85 -12.52
C ILE A 31 23.87 -21.02 -12.02
N PRO A 32 24.49 -21.79 -12.93
CA PRO A 32 25.32 -22.93 -12.53
C PRO A 32 26.49 -22.53 -11.61
N SER A 33 26.77 -21.24 -11.55
CA SER A 33 27.85 -20.72 -10.72
C SER A 33 27.33 -20.17 -9.39
N LEU A 34 26.01 -20.09 -9.24
CA LEU A 34 25.42 -19.52 -8.04
C LEU A 34 24.71 -20.56 -7.15
N THR A 35 24.41 -20.15 -5.93
CA THR A 35 23.72 -21.03 -4.97
C THR A 35 22.76 -20.23 -4.09
N GLY A 36 21.86 -20.94 -3.43
CA GLY A 36 20.90 -20.30 -2.54
C GLY A 36 20.14 -19.11 -3.10
N ALA A 37 20.12 -18.03 -2.32
CA ALA A 37 19.44 -16.80 -2.69
C ALA A 37 19.86 -16.27 -4.06
N MET A 38 21.15 -16.05 -4.23
CA MET A 38 21.67 -15.54 -5.50
C MET A 38 21.19 -16.34 -6.70
N ALA A 39 21.27 -17.67 -6.60
CA ALA A 39 20.84 -18.52 -7.71
C ALA A 39 19.36 -18.35 -8.02
N THR A 40 18.53 -18.27 -6.98
CA THR A 40 17.09 -18.09 -7.18
C THR A 40 16.76 -16.71 -7.73
N ALA A 41 17.44 -15.70 -7.20
CA ALA A 41 17.23 -14.33 -7.67
C ALA A 41 17.61 -14.23 -9.15
N ALA A 42 18.74 -14.83 -9.50
CA ALA A 42 19.22 -14.82 -10.89
C ALA A 42 18.15 -15.34 -11.86
N ALA A 43 17.46 -16.42 -11.48
CA ALA A 43 16.42 -16.99 -12.33
C ALA A 43 15.36 -15.94 -12.62
N ALA A 44 15.11 -15.06 -11.66
CA ALA A 44 14.12 -14.00 -11.83
C ALA A 44 14.56 -12.97 -12.85
N VAL A 45 15.84 -12.64 -12.84
CA VAL A 45 16.38 -11.65 -13.77
C VAL A 45 16.14 -12.06 -15.22
N ALA A 46 16.23 -13.35 -15.50
CA ALA A 46 16.03 -13.84 -16.86
C ALA A 46 14.62 -13.60 -17.39
N LYS A 47 13.68 -13.32 -16.50
CA LYS A 47 12.29 -13.07 -16.93
C LYS A 47 11.99 -11.61 -17.23
N VAL A 48 12.97 -10.73 -17.00
CA VAL A 48 12.78 -9.32 -17.28
C VAL A 48 13.10 -9.11 -18.76
N PRO A 49 12.16 -8.54 -19.53
CA PRO A 49 12.36 -8.30 -20.96
C PRO A 49 13.50 -7.33 -21.26
N SER A 50 14.38 -7.70 -22.18
CA SER A 50 15.48 -6.84 -22.59
C SER A 50 15.54 -6.88 -24.11
N PHE A 51 16.24 -5.94 -24.73
CA PHE A 51 16.33 -5.93 -26.19
C PHE A 51 17.37 -6.91 -26.74
N MET A 52 17.05 -7.50 -27.89
CA MET A 52 17.96 -8.43 -28.56
C MET A 52 18.71 -7.58 -29.57
N TRP A 53 20.03 -7.58 -29.51
CA TRP A 53 20.84 -6.79 -30.44
C TRP A 53 21.17 -7.55 -31.69
N LEU A 54 20.89 -6.94 -32.84
CA LEU A 54 21.20 -7.56 -34.13
C LEU A 54 22.49 -6.89 -34.61
N ASP A 55 23.59 -7.19 -33.91
CA ASP A 55 24.91 -6.62 -34.19
C ASP A 55 25.66 -7.18 -35.39
N THR A 56 25.12 -8.21 -36.02
CA THR A 56 25.74 -8.79 -37.20
C THR A 56 24.64 -9.36 -38.08
N LEU A 57 24.96 -9.61 -39.35
CA LEU A 57 23.98 -10.17 -40.27
C LEU A 57 23.65 -11.58 -39.82
N ASP A 58 24.65 -12.28 -39.30
CA ASP A 58 24.47 -13.65 -38.82
C ASP A 58 23.46 -13.71 -37.67
N LYS A 59 23.18 -12.56 -37.07
CA LYS A 59 22.23 -12.49 -35.97
C LYS A 59 20.79 -12.40 -36.43
N THR A 60 20.58 -11.97 -37.66
CA THR A 60 19.22 -11.82 -38.16
C THR A 60 18.34 -13.08 -38.09
N PRO A 61 18.89 -14.26 -38.37
CA PRO A 61 18.01 -15.43 -38.28
C PRO A 61 17.47 -15.59 -36.86
N LEU A 62 18.22 -15.08 -35.88
CA LEU A 62 17.81 -15.16 -34.49
C LEU A 62 16.57 -14.28 -34.29
N MET A 63 16.48 -13.20 -35.06
CA MET A 63 15.32 -12.31 -34.96
C MET A 63 14.06 -13.07 -35.39
N GLU A 64 14.14 -13.79 -36.50
CA GLU A 64 12.97 -14.53 -36.97
C GLU A 64 12.55 -15.61 -35.97
N GLN A 65 13.54 -16.27 -35.38
CA GLN A 65 13.28 -17.32 -34.40
C GLN A 65 12.56 -16.72 -33.19
N THR A 66 13.01 -15.54 -32.76
CA THR A 66 12.39 -14.87 -31.63
C THR A 66 10.94 -14.55 -31.98
N LEU A 67 10.74 -13.98 -33.16
CA LEU A 67 9.39 -13.64 -33.61
C LEU A 67 8.54 -14.90 -33.76
N ALA A 68 9.17 -16.00 -34.17
CA ALA A 68 8.45 -17.27 -34.30
C ALA A 68 7.95 -17.69 -32.91
N ASP A 69 8.84 -17.60 -31.92
CA ASP A 69 8.48 -17.98 -30.55
C ASP A 69 7.32 -17.12 -30.06
N ILE A 70 7.39 -15.82 -30.34
CA ILE A 70 6.34 -14.90 -29.91
C ILE A 70 5.00 -15.22 -30.55
N ARG A 71 5.01 -15.57 -31.85
CA ARG A 71 3.76 -15.88 -32.53
C ARG A 71 3.10 -17.09 -31.85
N THR A 72 3.91 -18.09 -31.54
CA THR A 72 3.42 -19.30 -30.88
C THR A 72 2.79 -18.94 -29.55
N ALA A 73 3.46 -18.09 -28.78
CA ALA A 73 2.97 -17.67 -27.47
C ALA A 73 1.68 -16.85 -27.60
N ASN A 74 1.65 -15.94 -28.58
CA ASN A 74 0.47 -15.09 -28.77
C ASN A 74 -0.75 -15.90 -29.17
N LYS A 75 -0.53 -17.05 -29.76
CA LYS A 75 -1.64 -17.92 -30.17
C LYS A 75 -2.30 -18.46 -28.90
N ASN A 76 -1.49 -18.59 -27.84
CA ASN A 76 -1.97 -19.09 -26.56
C ASN A 76 -2.28 -18.00 -25.55
N GLY A 77 -2.98 -16.96 -25.98
CA GLY A 77 -3.32 -15.89 -25.06
C GLY A 77 -2.17 -14.93 -24.88
N GLY A 78 -1.05 -15.24 -25.53
CA GLY A 78 0.10 -14.37 -25.44
C GLY A 78 -0.24 -13.06 -26.12
N ASN A 79 0.30 -11.98 -25.57
CA ASN A 79 0.09 -10.65 -26.11
C ASN A 79 1.46 -9.98 -25.97
N TYR A 80 2.45 -10.69 -26.50
CA TYR A 80 3.84 -10.26 -26.47
C TYR A 80 4.29 -9.45 -27.67
N ALA A 81 5.28 -8.59 -27.45
CA ALA A 81 5.86 -7.77 -28.49
C ALA A 81 7.36 -8.03 -28.53
N GLY A 82 7.93 -8.06 -29.74
CA GLY A 82 9.36 -8.28 -29.86
C GLY A 82 10.12 -6.97 -29.67
N GLN A 83 11.37 -7.07 -29.21
CA GLN A 83 12.22 -5.89 -28.99
C GLN A 83 13.60 -6.14 -29.56
N PHE A 84 14.00 -5.31 -30.52
CA PHE A 84 15.31 -5.49 -31.16
C PHE A 84 16.10 -4.20 -31.37
N VAL A 85 17.41 -4.34 -31.46
CA VAL A 85 18.27 -3.18 -31.67
C VAL A 85 18.97 -3.32 -33.03
N VAL A 86 18.77 -2.33 -33.89
CA VAL A 86 19.41 -2.32 -35.21
C VAL A 86 20.78 -1.70 -34.92
N TYR A 87 21.83 -2.48 -35.08
CA TYR A 87 23.17 -2.02 -34.75
C TYR A 87 24.27 -2.62 -35.62
N ASP A 88 24.38 -2.17 -36.87
CA ASP A 88 25.40 -2.71 -37.74
C ASP A 88 25.84 -1.73 -38.82
N LEU A 89 25.89 -0.44 -38.48
CA LEU A 89 26.31 0.59 -39.42
C LEU A 89 27.76 0.39 -39.86
N PRO A 90 28.10 0.80 -41.09
CA PRO A 90 29.48 0.64 -41.56
C PRO A 90 30.32 1.65 -40.77
N ASP A 91 31.51 1.24 -40.33
CA ASP A 91 32.36 2.11 -39.53
C ASP A 91 31.62 2.46 -38.25
N ARG A 92 31.02 1.43 -37.65
CA ARG A 92 30.26 1.56 -36.41
C ARG A 92 31.19 2.06 -35.28
N ALA A 93 30.62 2.82 -34.34
CA ALA A 93 31.41 3.38 -33.24
C ALA A 93 32.64 4.11 -33.78
N CYS A 94 32.40 5.11 -34.61
CA CYS A 94 33.47 5.89 -35.23
C CYS A 94 34.43 6.57 -34.27
N ALA A 95 34.04 6.67 -33.00
CA ALA A 95 34.90 7.30 -31.99
C ALA A 95 36.03 6.37 -31.58
N ALA A 96 35.87 5.08 -31.85
CA ALA A 96 36.91 4.10 -31.53
C ALA A 96 37.70 3.85 -32.81
N LEU A 97 39.02 3.95 -32.71
CA LEU A 97 39.91 3.76 -33.86
C LEU A 97 39.81 2.39 -34.55
N ALA A 98 39.90 1.32 -33.77
CA ALA A 98 39.85 -0.04 -34.31
C ALA A 98 38.48 -0.44 -34.87
N SER A 99 38.52 -1.34 -35.84
CA SER A 99 37.32 -1.87 -36.49
C SER A 99 36.40 -2.48 -35.44
N ASN A 100 35.27 -1.85 -35.19
CA ASN A 100 34.32 -2.33 -34.20
C ASN A 100 33.31 -3.32 -34.79
N GLY A 101 32.81 -3.02 -35.98
CA GLY A 101 31.83 -3.89 -36.61
C GLY A 101 32.31 -4.62 -37.85
N GLU A 102 31.44 -5.46 -38.41
CA GLU A 102 31.76 -6.24 -39.59
C GLU A 102 31.80 -5.48 -40.92
N TYR A 103 31.14 -4.32 -40.98
CA TYR A 103 31.13 -3.55 -42.22
C TYR A 103 31.90 -2.24 -42.12
N SER A 104 32.53 -1.87 -43.23
CA SER A 104 33.29 -0.62 -43.29
C SER A 104 32.89 0.14 -44.54
N ILE A 105 32.81 1.46 -44.42
CA ILE A 105 32.43 2.32 -45.53
C ILE A 105 33.33 2.10 -46.75
N ALA A 106 34.64 2.04 -46.51
CA ALA A 106 35.62 1.84 -47.57
C ALA A 106 35.39 0.58 -48.40
N ASP A 107 34.82 -0.46 -47.79
CA ASP A 107 34.58 -1.70 -48.51
C ASP A 107 33.10 -2.00 -48.75
N GLY A 108 32.44 -1.15 -49.54
CA GLY A 108 31.03 -1.33 -49.84
C GLY A 108 30.13 -1.40 -48.64
N GLY A 109 30.54 -0.78 -47.54
CA GLY A 109 29.77 -0.80 -46.31
C GLY A 109 28.33 -0.32 -46.38
N VAL A 110 28.08 0.77 -47.11
CA VAL A 110 26.73 1.30 -47.22
C VAL A 110 25.77 0.34 -47.93
N ALA A 111 26.24 -0.25 -49.04
CA ALA A 111 25.42 -1.20 -49.78
C ALA A 111 25.18 -2.42 -48.91
N LYS A 112 26.19 -2.83 -48.15
CA LYS A 112 26.03 -3.98 -47.28
C LYS A 112 25.06 -3.67 -46.16
N TYR A 113 25.05 -2.43 -45.71
CA TYR A 113 24.11 -2.06 -44.64
C TYR A 113 22.70 -2.18 -45.17
N LYS A 114 22.47 -1.69 -46.38
CA LYS A 114 21.15 -1.77 -46.98
C LYS A 114 20.71 -3.23 -47.14
N ASN A 115 21.64 -4.11 -47.52
CA ASN A 115 21.32 -5.53 -47.67
C ASN A 115 20.88 -6.09 -46.31
N TYR A 116 21.51 -5.61 -45.25
CA TYR A 116 21.21 -6.01 -43.87
C TYR A 116 19.78 -5.58 -43.50
N ILE A 117 19.44 -4.34 -43.85
CA ILE A 117 18.11 -3.80 -43.56
C ILE A 117 17.06 -4.56 -44.36
N ASP A 118 17.39 -4.94 -45.58
CA ASP A 118 16.46 -5.69 -46.41
C ASP A 118 16.03 -6.99 -45.73
N THR A 119 16.97 -7.68 -45.08
CA THR A 119 16.64 -8.92 -44.39
C THR A 119 15.68 -8.65 -43.23
N ILE A 120 15.97 -7.59 -42.47
CA ILE A 120 15.12 -7.25 -41.34
C ILE A 120 13.72 -6.86 -41.78
N ARG A 121 13.59 -6.11 -42.88
CA ARG A 121 12.26 -5.72 -43.33
C ARG A 121 11.46 -6.98 -43.69
N GLN A 122 12.05 -7.86 -44.49
CA GLN A 122 11.36 -9.08 -44.89
C GLN A 122 10.85 -9.87 -43.69
N ILE A 123 11.61 -9.86 -42.59
CA ILE A 123 11.20 -10.58 -41.39
C ILE A 123 10.02 -9.87 -40.74
N VAL A 124 10.12 -8.55 -40.63
CA VAL A 124 9.04 -7.78 -40.03
C VAL A 124 7.76 -7.91 -40.87
N VAL A 125 7.89 -7.89 -42.19
CA VAL A 125 6.73 -8.03 -43.06
C VAL A 125 6.09 -9.41 -42.84
N GLU A 126 6.92 -10.43 -42.75
CA GLU A 126 6.40 -11.77 -42.54
C GLU A 126 5.72 -11.90 -41.18
N TYR A 127 6.21 -11.14 -40.20
CA TYR A 127 5.62 -11.15 -38.85
C TYR A 127 4.92 -9.85 -38.52
N SER A 128 4.15 -9.35 -39.48
CA SER A 128 3.42 -8.11 -39.30
C SER A 128 2.36 -8.26 -38.22
N ASP A 129 2.12 -9.50 -37.81
CA ASP A 129 1.14 -9.80 -36.77
C ASP A 129 1.71 -9.59 -35.38
N ILE A 130 2.99 -9.26 -35.32
CA ILE A 130 3.63 -9.04 -34.03
C ILE A 130 4.14 -7.61 -33.92
N ARG A 131 3.76 -6.93 -32.85
CA ARG A 131 4.21 -5.57 -32.65
C ARG A 131 5.71 -5.63 -32.40
N THR A 132 6.46 -4.87 -33.19
CA THR A 132 7.91 -4.87 -33.08
C THR A 132 8.47 -3.53 -32.67
N LEU A 133 9.13 -3.51 -31.51
CA LEU A 133 9.73 -2.30 -30.95
C LEU A 133 11.23 -2.31 -31.24
N LEU A 134 11.71 -1.27 -31.92
CA LEU A 134 13.12 -1.20 -32.30
C LEU A 134 13.89 0.03 -31.89
N VAL A 135 15.15 -0.16 -31.50
CA VAL A 135 16.04 0.96 -31.15
C VAL A 135 16.96 1.05 -32.36
N ILE A 136 17.03 2.22 -32.98
CA ILE A 136 17.85 2.39 -34.18
C ILE A 136 19.25 2.95 -33.94
N GLU A 137 20.25 2.14 -34.30
CA GLU A 137 21.66 2.46 -34.23
C GLU A 137 22.23 3.28 -33.07
N PRO A 138 22.40 2.64 -31.91
CA PRO A 138 22.95 3.32 -30.74
C PRO A 138 24.35 3.86 -31.04
N ASP A 139 24.69 4.99 -30.42
CA ASP A 139 26.00 5.57 -30.59
C ASP A 139 26.41 5.79 -32.05
N SER A 140 25.57 6.51 -32.79
CA SER A 140 25.85 6.83 -34.18
C SER A 140 25.59 8.33 -34.37
N LEU A 141 24.32 8.73 -34.32
CA LEU A 141 24.00 10.15 -34.50
C LEU A 141 24.65 11.05 -33.44
N ALA A 142 24.73 10.57 -32.20
CA ALA A 142 25.33 11.37 -31.13
C ALA A 142 26.78 11.72 -31.45
N ASN A 143 27.51 10.77 -32.05
CA ASN A 143 28.89 11.00 -32.43
C ASN A 143 28.98 12.13 -33.46
N LEU A 144 27.99 12.19 -34.34
CA LEU A 144 27.97 13.21 -35.38
C LEU A 144 27.81 14.60 -34.79
N VAL A 145 27.21 14.68 -33.61
CA VAL A 145 27.00 15.97 -32.95
C VAL A 145 28.23 16.48 -32.22
N THR A 146 28.93 15.56 -31.55
CA THR A 146 30.08 15.95 -30.75
C THR A 146 31.45 15.49 -31.20
N ASN A 147 31.53 14.41 -31.96
CA ASN A 147 32.83 13.89 -32.36
C ASN A 147 33.28 14.09 -33.81
N LEU A 148 32.81 15.14 -34.48
CA LEU A 148 33.22 15.38 -35.85
C LEU A 148 34.70 15.75 -35.88
N GLY A 149 35.24 16.06 -34.70
CA GLY A 149 36.65 16.39 -34.58
C GLY A 149 37.47 15.15 -34.82
N THR A 150 36.84 13.99 -34.69
CA THR A 150 37.52 12.72 -34.93
C THR A 150 37.32 12.41 -36.40
N PRO A 151 38.41 12.22 -37.15
CA PRO A 151 38.36 11.92 -38.59
C PRO A 151 37.41 10.79 -38.97
N LYS A 152 37.53 9.65 -38.29
CA LYS A 152 36.66 8.52 -38.60
C LYS A 152 35.18 8.89 -38.55
N CYS A 153 34.80 9.75 -37.60
CA CYS A 153 33.40 10.17 -37.49
C CYS A 153 33.04 11.18 -38.57
N ALA A 154 33.90 12.17 -38.77
CA ALA A 154 33.67 13.19 -39.79
C ALA A 154 33.48 12.50 -41.14
N ASN A 155 34.38 11.56 -41.44
CA ASN A 155 34.35 10.82 -42.69
C ASN A 155 33.12 9.91 -42.82
N ALA A 156 32.54 9.52 -41.68
CA ALA A 156 31.39 8.62 -41.69
C ALA A 156 30.04 9.31 -41.76
N GLN A 157 30.01 10.60 -41.46
CA GLN A 157 28.77 11.37 -41.48
C GLN A 157 27.82 11.03 -42.63
N SER A 158 28.33 11.15 -43.86
CA SER A 158 27.52 10.89 -45.04
C SER A 158 26.86 9.50 -45.06
N ALA A 159 27.64 8.47 -44.78
CA ALA A 159 27.17 7.09 -44.75
C ALA A 159 26.15 6.86 -43.63
N TYR A 160 26.44 7.42 -42.45
CA TYR A 160 25.55 7.27 -41.31
C TYR A 160 24.14 7.75 -41.63
N LEU A 161 24.06 8.97 -42.16
CA LEU A 161 22.78 9.56 -42.49
C LEU A 161 22.04 8.81 -43.60
N GLU A 162 22.76 8.34 -44.61
CA GLU A 162 22.11 7.60 -45.69
C GLU A 162 21.60 6.26 -45.18
N CYS A 163 22.40 5.58 -44.37
CA CYS A 163 22.01 4.29 -43.83
C CYS A 163 20.84 4.40 -42.87
N ILE A 164 20.89 5.40 -42.00
CA ILE A 164 19.81 5.58 -41.04
C ILE A 164 18.52 5.93 -41.76
N ASN A 165 18.62 6.70 -42.84
CA ASN A 165 17.44 7.06 -43.61
C ASN A 165 16.84 5.79 -44.22
N TYR A 166 17.69 4.93 -44.76
CA TYR A 166 17.22 3.69 -45.37
C TYR A 166 16.48 2.86 -44.32
N ALA A 167 17.11 2.69 -43.17
CA ALA A 167 16.52 1.90 -42.09
C ALA A 167 15.14 2.41 -41.65
N VAL A 168 15.07 3.71 -41.36
CA VAL A 168 13.82 4.30 -40.91
C VAL A 168 12.69 4.26 -41.95
N THR A 169 13.03 4.44 -43.22
CA THR A 169 12.01 4.39 -44.27
C THR A 169 11.58 2.96 -44.61
N GLN A 170 12.54 2.04 -44.64
CA GLN A 170 12.23 0.64 -44.97
C GLN A 170 11.52 -0.11 -43.85
N LEU A 171 11.73 0.32 -42.60
CA LEU A 171 11.08 -0.34 -41.47
C LEU A 171 9.86 0.42 -40.98
N ASN A 172 9.42 1.39 -41.76
CA ASN A 172 8.24 2.19 -41.42
C ASN A 172 6.99 1.37 -41.77
N LEU A 173 6.65 0.43 -40.89
CA LEU A 173 5.49 -0.45 -41.09
C LEU A 173 4.52 -0.33 -39.90
N PRO A 174 3.22 -0.58 -40.14
CA PRO A 174 2.13 -0.50 -39.16
C PRO A 174 2.38 -1.17 -37.81
N ASN A 175 3.09 -2.29 -37.81
CA ASN A 175 3.36 -3.03 -36.58
C ASN A 175 4.67 -2.63 -35.91
N VAL A 176 5.35 -1.62 -36.45
CA VAL A 176 6.64 -1.19 -35.92
C VAL A 176 6.66 0.15 -35.19
N ALA A 177 7.47 0.22 -34.15
CA ALA A 177 7.68 1.44 -33.39
C ALA A 177 9.19 1.57 -33.32
N MET A 178 9.73 2.65 -33.88
CA MET A 178 11.17 2.87 -33.85
C MET A 178 11.55 4.04 -32.97
N TYR A 179 12.67 3.90 -32.28
CA TYR A 179 13.19 4.96 -31.43
C TYR A 179 14.63 5.17 -31.85
N LEU A 180 14.92 6.37 -32.34
CA LEU A 180 16.26 6.71 -32.78
C LEU A 180 17.14 6.90 -31.56
N ASP A 181 18.31 6.25 -31.53
CA ASP A 181 19.18 6.43 -30.38
C ASP A 181 19.56 7.90 -30.30
N ALA A 182 19.56 8.45 -29.08
CA ALA A 182 19.89 9.85 -28.87
C ALA A 182 20.88 10.08 -27.73
N GLY A 183 21.84 9.16 -27.57
CA GLY A 183 22.82 9.31 -26.51
C GLY A 183 22.20 9.37 -25.13
N HIS A 184 22.73 10.24 -24.29
CA HIS A 184 22.21 10.39 -22.93
C HIS A 184 22.51 11.76 -22.35
N ALA A 185 22.00 12.01 -21.14
CA ALA A 185 22.17 13.29 -20.46
C ALA A 185 23.59 13.82 -20.41
N GLY A 186 24.55 12.95 -20.12
CA GLY A 186 25.94 13.37 -20.03
C GLY A 186 26.62 13.58 -21.37
N TRP A 187 25.89 13.28 -22.44
CA TRP A 187 26.43 13.44 -23.77
C TRP A 187 25.74 14.61 -24.47
N LEU A 188 24.51 14.40 -24.91
CA LEU A 188 23.75 15.43 -25.60
C LEU A 188 22.89 16.26 -24.67
N GLY A 189 22.89 15.89 -23.38
CA GLY A 189 22.10 16.61 -22.40
C GLY A 189 22.68 17.97 -22.04
N TRP A 190 23.99 18.10 -22.17
CA TRP A 190 24.66 19.38 -21.87
C TRP A 190 23.98 20.46 -22.69
N PRO A 191 23.62 21.58 -22.04
CA PRO A 191 22.95 22.69 -22.73
C PRO A 191 23.48 22.99 -24.14
N ALA A 192 24.79 23.14 -24.26
CA ALA A 192 25.41 23.44 -25.56
C ALA A 192 25.14 22.44 -26.68
N ASN A 193 24.90 21.17 -26.34
CA ASN A 193 24.65 20.15 -27.36
C ASN A 193 23.18 19.93 -27.68
N GLN A 194 22.29 20.43 -26.82
CA GLN A 194 20.85 20.26 -26.98
C GLN A 194 20.22 20.70 -28.31
N ASP A 195 20.46 21.93 -28.74
CA ASP A 195 19.85 22.38 -29.98
C ASP A 195 20.43 21.68 -31.21
N PRO A 196 21.77 21.56 -31.29
CA PRO A 196 22.38 20.90 -32.44
C PRO A 196 21.89 19.45 -32.56
N ALA A 197 21.70 18.80 -31.42
CA ALA A 197 21.23 17.42 -31.40
C ALA A 197 19.78 17.39 -31.88
N ALA A 198 18.96 18.26 -31.30
CA ALA A 198 17.54 18.34 -31.67
C ALA A 198 17.39 18.62 -33.15
N GLN A 199 18.25 19.46 -33.68
CA GLN A 199 18.21 19.82 -35.09
C GLN A 199 18.52 18.62 -35.98
N LEU A 200 19.54 17.86 -35.59
CA LEU A 200 19.93 16.67 -36.36
C LEU A 200 18.83 15.61 -36.36
N PHE A 201 18.29 15.30 -35.18
CA PHE A 201 17.23 14.29 -35.07
C PHE A 201 15.99 14.68 -35.85
N ALA A 202 15.62 15.96 -35.75
CA ALA A 202 14.44 16.45 -36.46
C ALA A 202 14.67 16.34 -37.97
N ASN A 203 15.89 16.62 -38.41
CA ASN A 203 16.20 16.54 -39.84
C ASN A 203 16.12 15.11 -40.33
N VAL A 204 16.57 14.18 -39.49
CA VAL A 204 16.53 12.76 -39.86
C VAL A 204 15.07 12.35 -40.04
N TYR A 205 14.22 12.80 -39.12
CA TYR A 205 12.79 12.50 -39.15
C TYR A 205 12.14 13.04 -40.42
N LYS A 206 12.29 14.34 -40.64
CA LYS A 206 11.71 14.99 -41.82
C LYS A 206 12.28 14.47 -43.13
N ASN A 207 13.59 14.22 -43.16
CA ASN A 207 14.23 13.73 -44.35
C ASN A 207 13.71 12.34 -44.72
N ALA A 208 13.11 11.67 -43.75
CA ALA A 208 12.54 10.34 -43.96
C ALA A 208 11.04 10.45 -44.20
N SER A 209 10.57 11.66 -44.46
CA SER A 209 9.17 11.93 -44.72
C SER A 209 8.27 11.73 -43.49
N SER A 210 8.78 12.09 -42.32
CA SER A 210 8.03 11.96 -41.07
C SER A 210 7.39 10.58 -40.95
N PRO A 211 8.21 9.52 -40.90
CA PRO A 211 7.71 8.14 -40.78
C PRO A 211 6.75 7.96 -39.60
N ARG A 212 5.56 7.41 -39.88
CA ARG A 212 4.57 7.16 -38.84
C ARG A 212 5.14 6.29 -37.72
N ALA A 213 5.93 5.29 -38.09
CA ALA A 213 6.53 4.36 -37.14
C ALA A 213 7.67 4.94 -36.28
N LEU A 214 8.23 6.06 -36.69
CA LEU A 214 9.29 6.66 -35.90
C LEU A 214 8.64 7.46 -34.76
N ARG A 215 8.36 6.76 -33.67
CA ARG A 215 7.70 7.34 -32.50
C ARG A 215 8.53 8.34 -31.70
N GLY A 216 9.84 8.19 -31.71
CA GLY A 216 10.67 9.11 -30.94
C GLY A 216 12.16 8.78 -30.83
N LEU A 217 12.70 8.95 -29.62
CA LEU A 217 14.12 8.73 -29.37
C LEU A 217 14.37 7.80 -28.17
N ALA A 218 15.52 7.13 -28.18
CA ALA A 218 15.91 6.24 -27.09
C ALA A 218 17.11 6.88 -26.40
N THR A 219 17.14 6.84 -25.07
CA THR A 219 18.26 7.44 -24.34
C THR A 219 18.88 6.51 -23.31
N ASN A 220 20.10 6.82 -22.91
CA ASN A 220 20.87 6.05 -21.93
C ASN A 220 21.16 4.61 -22.36
N VAL A 221 21.02 4.30 -23.65
CA VAL A 221 21.30 2.95 -24.13
C VAL A 221 22.73 2.54 -23.79
N ALA A 222 22.87 1.43 -23.07
CA ALA A 222 24.20 0.94 -22.67
C ALA A 222 24.90 1.86 -21.67
N ASN A 223 24.21 2.88 -21.18
CA ASN A 223 24.81 3.75 -20.19
C ASN A 223 24.22 3.55 -18.80
N TYR A 224 24.61 4.37 -17.84
CA TYR A 224 24.15 4.14 -16.47
C TYR A 224 23.44 5.27 -15.73
N ASN A 225 23.05 6.32 -16.44
CA ASN A 225 22.40 7.46 -15.79
C ASN A 225 21.10 7.09 -15.08
N GLY A 226 20.78 7.83 -14.04
CA GLY A 226 19.53 7.57 -13.33
C GLY A 226 18.43 8.19 -14.16
N TRP A 227 17.22 7.65 -14.05
CA TRP A 227 16.10 8.22 -14.78
C TRP A 227 15.65 9.52 -14.12
N ASN A 228 15.52 9.49 -12.80
CA ASN A 228 15.04 10.66 -12.06
C ASN A 228 15.74 10.92 -10.73
N ILE A 229 17.04 10.69 -10.65
CA ILE A 229 17.73 10.92 -9.37
C ILE A 229 17.60 12.38 -8.94
N THR A 230 17.53 12.58 -7.63
CA THR A 230 17.33 13.91 -7.05
C THR A 230 18.56 14.74 -6.72
N SER A 231 19.73 14.13 -6.63
CA SER A 231 20.95 14.87 -6.34
C SER A 231 21.98 14.61 -7.43
N PRO A 232 22.63 15.68 -7.92
CA PRO A 232 23.63 15.50 -8.97
C PRO A 232 24.90 14.77 -8.52
N PRO A 233 25.22 13.65 -9.19
CA PRO A 233 26.43 12.90 -8.83
C PRO A 233 27.64 13.81 -9.07
N SER A 234 28.74 13.54 -8.39
CA SER A 234 29.94 14.37 -8.55
C SER A 234 30.44 14.41 -9.99
N TYR A 235 30.38 13.28 -10.69
CA TYR A 235 30.85 13.24 -12.06
C TYR A 235 29.98 14.01 -13.06
N THR A 236 28.86 14.54 -12.61
CA THR A 236 27.98 15.30 -13.51
C THR A 236 28.22 16.79 -13.36
N GLN A 237 29.21 17.14 -12.55
CA GLN A 237 29.56 18.54 -12.30
C GLN A 237 29.52 19.44 -13.52
N GLY A 238 28.72 20.51 -13.43
CA GLY A 238 28.62 21.47 -14.51
C GLY A 238 27.41 21.28 -15.41
N ASN A 239 26.80 20.09 -15.37
CA ASN A 239 25.66 19.82 -16.23
C ASN A 239 24.36 19.84 -15.41
N ALA A 240 23.47 20.79 -15.72
CA ALA A 240 22.20 20.89 -15.02
C ALA A 240 21.31 19.71 -15.39
N VAL A 241 21.54 19.15 -16.57
CA VAL A 241 20.78 18.00 -17.04
C VAL A 241 21.57 16.76 -16.60
N TYR A 242 21.42 16.36 -15.34
CA TYR A 242 22.15 15.23 -14.81
C TYR A 242 21.38 13.91 -14.69
N ASN A 243 20.16 13.85 -15.22
CA ASN A 243 19.39 12.61 -15.23
C ASN A 243 18.62 12.56 -16.55
N GLU A 244 18.11 11.39 -16.91
CA GLU A 244 17.40 11.23 -18.17
C GLU A 244 16.08 12.01 -18.30
N LYS A 245 15.33 12.10 -17.20
CA LYS A 245 14.07 12.82 -17.22
C LYS A 245 14.32 14.29 -17.60
N LEU A 246 15.37 14.87 -17.04
CA LEU A 246 15.72 16.25 -17.33
C LEU A 246 16.13 16.38 -18.79
N TYR A 247 16.82 15.34 -19.29
CA TYR A 247 17.28 15.33 -20.67
C TYR A 247 16.13 15.29 -21.68
N ILE A 248 15.18 14.37 -21.50
CA ILE A 248 14.10 14.30 -22.46
C ILE A 248 13.19 15.52 -22.38
N HIS A 249 13.07 16.12 -21.21
CA HIS A 249 12.25 17.30 -21.10
C HIS A 249 12.89 18.53 -21.70
N ALA A 250 14.21 18.50 -21.82
CA ALA A 250 14.94 19.62 -22.39
C ALA A 250 14.98 19.55 -23.93
N ILE A 251 15.22 18.36 -24.47
CA ILE A 251 15.29 18.22 -25.91
C ILE A 251 13.94 18.03 -26.60
N GLY A 252 12.96 17.50 -25.86
CA GLY A 252 11.65 17.31 -26.43
C GLY A 252 11.09 18.57 -27.09
N PRO A 253 10.91 19.66 -26.33
CA PRO A 253 10.39 20.88 -26.94
C PRO A 253 11.22 21.36 -28.14
N LEU A 254 12.53 21.14 -28.09
CA LEU A 254 13.42 21.55 -29.18
C LEU A 254 13.17 20.76 -30.46
N LEU A 255 12.84 19.48 -30.33
CA LEU A 255 12.55 18.66 -31.50
C LEU A 255 11.35 19.28 -32.21
N ALA A 256 10.37 19.72 -31.40
CA ALA A 256 9.16 20.33 -31.94
C ALA A 256 9.50 21.63 -32.66
N ASN A 257 10.34 22.46 -32.04
CA ASN A 257 10.73 23.72 -32.64
C ASN A 257 11.41 23.51 -34.00
N HIS A 258 12.00 22.33 -34.19
CA HIS A 258 12.69 22.03 -35.44
C HIS A 258 11.91 21.15 -36.42
N GLY A 259 10.61 21.03 -36.22
CA GLY A 259 9.80 20.25 -37.13
C GLY A 259 9.34 18.86 -36.73
N TRP A 260 9.71 18.39 -35.54
CA TRP A 260 9.31 17.06 -35.10
C TRP A 260 8.45 17.12 -33.85
N SER A 261 7.14 17.14 -34.05
CA SER A 261 6.20 17.17 -32.95
C SER A 261 5.76 15.75 -32.61
N ASN A 262 5.23 15.57 -31.41
CA ASN A 262 4.75 14.27 -30.93
C ASN A 262 5.82 13.19 -30.86
N ALA A 263 7.03 13.60 -30.52
CA ALA A 263 8.14 12.67 -30.36
C ALA A 263 8.11 12.23 -28.89
N PHE A 264 8.20 10.92 -28.65
CA PHE A 264 8.21 10.40 -27.29
C PHE A 264 9.51 9.66 -27.07
N PHE A 265 9.75 9.21 -25.84
CA PHE A 265 11.00 8.53 -25.52
C PHE A 265 10.91 7.22 -24.73
N ILE A 266 12.01 6.47 -24.75
CA ILE A 266 12.17 5.26 -23.96
C ILE A 266 13.58 5.40 -23.39
N THR A 267 13.76 5.02 -22.13
CA THR A 267 15.07 5.16 -21.53
C THR A 267 15.54 3.86 -20.90
N ASP A 268 16.79 3.51 -21.19
CA ASP A 268 17.42 2.32 -20.66
C ASP A 268 17.69 2.56 -19.17
N GLN A 269 17.37 1.57 -18.34
CA GLN A 269 17.64 1.64 -16.89
C GLN A 269 18.18 0.28 -16.45
N GLY A 270 18.56 -0.54 -17.42
CA GLY A 270 19.07 -1.87 -17.13
C GLY A 270 20.29 -1.94 -16.23
N ARG A 271 21.04 -0.85 -16.16
CA ARG A 271 22.23 -0.81 -15.32
C ARG A 271 22.29 0.50 -14.54
N SER A 272 21.12 1.06 -14.26
CA SER A 272 21.01 2.34 -13.55
C SER A 272 20.50 2.23 -12.12
N GLY A 273 20.32 1.00 -11.65
CA GLY A 273 19.81 0.77 -10.30
C GLY A 273 20.55 1.35 -9.11
N LYS A 274 21.86 1.51 -9.23
CA LYS A 274 22.63 2.06 -8.11
C LYS A 274 23.15 3.44 -8.49
N GLN A 275 22.76 4.43 -7.69
CA GLN A 275 23.16 5.82 -7.92
C GLN A 275 23.66 6.45 -6.63
N PRO A 276 24.80 7.16 -6.69
CA PRO A 276 25.60 7.35 -7.90
C PRO A 276 26.31 6.06 -8.29
N THR A 277 26.86 6.02 -9.51
CA THR A 277 27.59 4.85 -9.98
C THR A 277 29.03 4.95 -9.52
N GLY A 278 29.86 4.01 -9.95
CA GLY A 278 31.27 4.03 -9.59
C GLY A 278 32.09 4.78 -10.63
N GLN A 279 31.40 5.48 -11.53
CA GLN A 279 32.07 6.23 -12.57
C GLN A 279 32.94 7.33 -11.97
N GLN A 280 34.21 7.33 -12.32
CA GLN A 280 35.11 8.36 -11.81
C GLN A 280 35.06 9.54 -12.77
N GLN A 281 34.57 9.28 -13.98
CA GLN A 281 34.40 10.29 -15.01
C GLN A 281 33.10 9.90 -15.74
N TRP A 282 32.26 10.89 -16.06
CA TRP A 282 30.98 10.63 -16.71
C TRP A 282 31.12 9.90 -18.04
N GLY A 283 32.22 10.19 -18.75
CA GLY A 283 32.45 9.57 -20.04
C GLY A 283 32.95 8.13 -20.00
N ASP A 284 33.19 7.61 -18.81
CA ASP A 284 33.64 6.22 -18.68
C ASP A 284 32.43 5.33 -18.84
N TRP A 285 32.38 4.61 -19.95
CA TRP A 285 31.24 3.76 -20.27
C TRP A 285 31.46 2.25 -20.25
N CYS A 286 32.70 1.81 -20.07
CA CYS A 286 32.98 0.37 -20.09
C CYS A 286 32.90 -0.38 -18.75
N ASN A 287 32.01 -1.36 -18.70
CA ASN A 287 31.82 -2.20 -17.52
C ASN A 287 32.02 -1.44 -16.22
N VAL A 288 31.28 -0.36 -16.06
CA VAL A 288 31.39 0.48 -14.87
C VAL A 288 31.11 -0.28 -13.57
N ILE A 289 31.99 -0.09 -12.59
CA ILE A 289 31.82 -0.74 -11.29
C ILE A 289 30.76 0.01 -10.47
N GLY A 290 30.20 -0.65 -9.47
CA GLY A 290 29.21 0.00 -8.62
C GLY A 290 27.87 0.27 -9.28
N THR A 291 27.41 -0.66 -10.10
CA THR A 291 26.13 -0.51 -10.77
C THR A 291 25.19 -1.67 -10.43
N GLY A 292 23.91 -1.46 -10.69
CA GLY A 292 22.96 -2.52 -10.43
C GLY A 292 21.80 -2.48 -11.42
N PHE A 293 21.05 -3.58 -11.49
CA PHE A 293 19.89 -3.61 -12.36
C PHE A 293 19.00 -2.47 -11.84
N GLY A 294 18.32 -1.77 -12.73
CA GLY A 294 17.49 -0.66 -12.29
C GLY A 294 15.99 -0.85 -12.47
N ILE A 295 15.31 0.28 -12.62
CA ILE A 295 13.86 0.31 -12.79
C ILE A 295 13.43 -0.70 -13.85
N ARG A 296 12.45 -1.54 -13.49
CA ARG A 296 11.96 -2.57 -14.40
C ARG A 296 11.17 -2.00 -15.56
N PRO A 297 11.26 -2.67 -16.73
CA PRO A 297 10.55 -2.25 -17.94
C PRO A 297 9.06 -2.07 -17.63
N SER A 298 8.52 -0.90 -17.96
CA SER A 298 7.11 -0.61 -17.73
C SER A 298 6.71 0.71 -18.40
N ALA A 299 5.47 0.78 -18.84
CA ALA A 299 4.97 1.99 -19.48
C ALA A 299 4.36 2.95 -18.46
N ASN A 300 4.18 2.48 -17.23
CA ASN A 300 3.61 3.30 -16.16
C ASN A 300 4.70 4.19 -15.61
N THR A 301 5.13 5.12 -16.45
CA THR A 301 6.22 6.03 -16.14
C THR A 301 5.86 7.29 -15.34
N GLY A 302 4.59 7.65 -15.34
CA GLY A 302 4.17 8.83 -14.61
C GLY A 302 4.69 10.10 -15.28
N ASP A 303 5.13 9.96 -16.52
CA ASP A 303 5.65 11.10 -17.26
C ASP A 303 5.26 10.99 -18.72
N SER A 304 4.51 11.99 -19.18
CA SER A 304 4.01 12.08 -20.55
C SER A 304 5.03 11.76 -21.65
N LEU A 305 6.24 12.31 -21.52
CA LEU A 305 7.27 12.10 -22.53
C LEU A 305 7.88 10.70 -22.61
N LEU A 306 7.89 9.98 -21.49
CA LEU A 306 8.49 8.65 -21.53
C LEU A 306 7.44 7.56 -21.76
N ASP A 307 7.50 6.92 -22.92
CA ASP A 307 6.56 5.85 -23.23
C ASP A 307 6.85 4.67 -22.32
N SER A 308 8.11 4.46 -21.99
CA SER A 308 8.45 3.32 -21.14
C SER A 308 9.90 3.22 -20.68
N PHE A 309 10.07 2.59 -19.53
CA PHE A 309 11.39 2.31 -18.99
C PHE A 309 11.69 1.02 -19.75
N VAL A 310 12.95 0.81 -20.13
CA VAL A 310 13.32 -0.39 -20.86
C VAL A 310 14.72 -0.86 -20.47
N TRP A 311 15.06 -2.08 -20.87
CA TRP A 311 16.38 -2.64 -20.63
C TRP A 311 16.92 -2.95 -22.03
N VAL A 312 17.64 -1.99 -22.60
CA VAL A 312 18.20 -2.17 -23.96
C VAL A 312 19.50 -2.98 -23.94
N LYS A 313 20.48 -2.50 -23.19
CA LYS A 313 21.75 -3.22 -23.06
C LYS A 313 21.47 -4.34 -22.06
N PRO A 314 21.68 -5.61 -22.46
CA PRO A 314 21.42 -6.72 -21.53
C PRO A 314 22.48 -6.83 -20.44
N GLY A 315 22.11 -6.52 -19.19
CA GLY A 315 23.04 -6.58 -18.08
C GLY A 315 23.71 -7.93 -17.95
N GLY A 316 25.04 -7.95 -18.03
CA GLY A 316 25.77 -9.20 -17.94
C GLY A 316 26.61 -9.39 -19.18
N GLU A 317 26.15 -8.82 -20.28
CA GLU A 317 26.85 -8.86 -21.55
C GLU A 317 27.90 -7.75 -21.51
N CYS A 318 29.16 -8.12 -21.71
CA CYS A 318 30.29 -7.19 -21.64
C CYS A 318 30.24 -6.04 -22.65
N ASP A 319 30.85 -4.91 -22.29
CA ASP A 319 30.91 -3.72 -23.14
C ASP A 319 32.24 -3.72 -23.89
N GLY A 320 33.19 -4.53 -23.42
CA GLY A 320 34.49 -4.58 -24.07
C GLY A 320 35.53 -5.28 -23.22
N THR A 321 36.57 -5.81 -23.86
CA THR A 321 37.60 -6.53 -23.15
C THR A 321 38.66 -5.66 -22.48
N SER A 322 39.24 -6.18 -21.41
CA SER A 322 40.29 -5.48 -20.70
C SER A 322 41.64 -6.09 -21.07
N ASP A 323 41.64 -6.99 -22.07
CA ASP A 323 42.88 -7.61 -22.52
C ASP A 323 43.55 -6.65 -23.50
N SER A 324 44.66 -6.05 -23.07
CA SER A 324 45.39 -5.09 -23.89
C SER A 324 45.90 -5.61 -25.23
N SER A 325 46.00 -6.92 -25.39
CA SER A 325 46.50 -7.48 -26.65
C SER A 325 45.35 -7.86 -27.59
N ALA A 326 44.11 -7.70 -27.12
CA ALA A 326 42.95 -8.04 -27.94
C ALA A 326 42.80 -7.04 -29.08
N PRO A 327 42.37 -7.51 -30.27
CA PRO A 327 42.18 -6.67 -31.45
C PRO A 327 41.35 -5.40 -31.21
N ARG A 328 40.19 -5.55 -30.57
CA ARG A 328 39.34 -4.40 -30.31
C ARG A 328 39.46 -3.85 -28.88
N PHE A 329 40.63 -4.01 -28.27
CA PHE A 329 40.82 -3.52 -26.92
C PHE A 329 40.61 -2.00 -26.90
N ASP A 330 39.89 -1.52 -25.89
CA ASP A 330 39.62 -0.10 -25.73
C ASP A 330 40.12 0.28 -24.34
N SER A 331 40.98 1.30 -24.28
CA SER A 331 41.54 1.74 -23.01
C SER A 331 40.47 2.05 -21.95
N HIS A 332 39.26 2.41 -22.38
CA HIS A 332 38.21 2.70 -21.41
C HIS A 332 37.89 1.49 -20.54
N CYS A 333 38.14 0.29 -21.07
CA CYS A 333 37.86 -0.94 -20.33
C CYS A 333 38.97 -1.39 -19.39
N ALA A 334 40.04 -0.60 -19.29
CA ALA A 334 41.14 -0.94 -18.40
C ALA A 334 41.23 0.11 -17.29
N LEU A 335 40.33 1.09 -17.31
CA LEU A 335 40.33 2.14 -16.30
C LEU A 335 39.98 1.56 -14.93
N PRO A 336 40.41 2.24 -13.86
CA PRO A 336 40.16 1.79 -12.48
C PRO A 336 38.68 1.74 -12.09
N ASP A 337 37.81 2.40 -12.85
CA ASP A 337 36.38 2.35 -12.52
C ASP A 337 35.66 1.35 -13.42
N ALA A 338 36.45 0.52 -14.12
CA ALA A 338 35.90 -0.50 -14.99
C ALA A 338 36.22 -1.88 -14.39
N LEU A 339 35.22 -2.75 -14.30
CA LEU A 339 35.41 -4.07 -13.73
C LEU A 339 36.29 -4.94 -14.63
N GLN A 340 37.28 -5.58 -14.04
CA GLN A 340 38.21 -6.43 -14.78
C GLN A 340 38.51 -7.71 -13.97
N PRO A 341 38.95 -8.79 -14.65
CA PRO A 341 39.19 -8.89 -16.09
C PRO A 341 37.87 -8.99 -16.85
N ALA A 342 37.80 -8.39 -18.04
CA ALA A 342 36.57 -8.40 -18.83
C ALA A 342 36.76 -9.07 -20.19
N PRO A 343 35.73 -9.82 -20.66
CA PRO A 343 35.76 -10.52 -21.94
C PRO A 343 35.49 -9.58 -23.11
N GLN A 344 35.46 -10.14 -24.32
CA GLN A 344 35.19 -9.33 -25.50
C GLN A 344 33.77 -8.78 -25.45
N ALA A 345 33.56 -7.65 -26.09
CA ALA A 345 32.24 -7.02 -26.13
C ALA A 345 31.16 -8.03 -26.48
N GLY A 346 30.03 -7.97 -25.77
CA GLY A 346 28.93 -8.88 -26.05
C GLY A 346 28.98 -10.23 -25.36
N ALA A 347 30.19 -10.70 -25.03
CA ALA A 347 30.34 -11.99 -24.36
C ALA A 347 29.87 -11.90 -22.90
N TRP A 348 29.51 -13.04 -22.32
CA TRP A 348 29.04 -13.06 -20.93
C TRP A 348 30.16 -12.71 -19.97
N PHE A 349 29.85 -11.85 -19.02
CA PHE A 349 30.82 -11.37 -18.02
C PHE A 349 30.19 -11.64 -16.64
N GLN A 350 30.39 -12.87 -16.15
CA GLN A 350 29.83 -13.32 -14.87
C GLN A 350 29.96 -12.39 -13.67
N ALA A 351 31.17 -11.90 -13.40
CA ALA A 351 31.35 -11.02 -12.26
C ALA A 351 30.49 -9.76 -12.39
N TYR A 352 30.33 -9.26 -13.61
CA TYR A 352 29.52 -8.07 -13.81
C TYR A 352 28.04 -8.38 -13.57
N PHE A 353 27.59 -9.54 -14.04
CA PHE A 353 26.20 -9.94 -13.84
C PHE A 353 25.92 -10.01 -12.34
N VAL A 354 26.84 -10.60 -11.60
CA VAL A 354 26.69 -10.75 -10.15
C VAL A 354 26.67 -9.36 -9.48
N GLN A 355 27.47 -8.45 -10.00
CA GLN A 355 27.51 -7.09 -9.46
C GLN A 355 26.13 -6.45 -9.62
N LEU A 356 25.60 -6.50 -10.84
CA LEU A 356 24.28 -5.94 -11.13
C LEU A 356 23.20 -6.54 -10.24
N LEU A 357 23.21 -7.87 -10.12
CA LEU A 357 22.22 -8.58 -9.31
C LEU A 357 22.32 -8.18 -7.84
N THR A 358 23.56 -8.09 -7.34
CA THR A 358 23.81 -7.73 -5.96
C THR A 358 23.35 -6.32 -5.61
N ASN A 359 23.59 -5.38 -6.53
CA ASN A 359 23.23 -3.98 -6.31
C ASN A 359 21.92 -3.57 -6.96
N ALA A 360 21.10 -4.55 -7.31
CA ALA A 360 19.81 -4.31 -7.94
C ALA A 360 18.79 -3.55 -7.10
N ASN A 361 18.08 -2.62 -7.74
CA ASN A 361 17.04 -1.83 -7.08
C ASN A 361 16.02 -1.41 -8.16
N PRO A 362 14.80 -1.98 -8.14
CA PRO A 362 14.28 -2.96 -7.18
C PRO A 362 15.15 -4.20 -7.07
N SER A 363 15.20 -4.77 -5.88
CA SER A 363 15.99 -5.95 -5.63
C SER A 363 15.35 -7.23 -6.16
N PHE A 364 16.19 -8.19 -6.49
CA PHE A 364 15.71 -9.49 -6.95
C PHE A 364 15.82 -10.40 -5.76
N LEU A 365 16.81 -10.12 -4.90
CA LEU A 365 17.02 -10.88 -3.68
C LEU A 365 15.93 -10.48 -2.69
N THR B 3 -43.04 -8.92 19.95
CA THR B 3 -42.89 -8.02 18.78
C THR B 3 -41.47 -7.47 18.73
N ALA B 4 -40.73 -7.83 17.68
CA ALA B 4 -39.35 -7.39 17.54
C ALA B 4 -39.19 -5.89 17.26
N THR B 5 -40.02 -5.36 16.37
CA THR B 5 -39.92 -3.93 16.05
C THR B 5 -40.40 -3.09 17.25
N TYR B 6 -40.04 -1.81 17.26
CA TYR B 6 -40.41 -0.95 18.37
C TYR B 6 -40.62 0.51 17.98
N SER B 7 -41.28 1.24 18.88
CA SER B 7 -41.53 2.67 18.74
C SER B 7 -41.01 3.27 20.04
N GLY B 8 -40.15 4.27 19.95
CA GLY B 8 -39.63 4.88 21.16
C GLY B 8 -38.50 4.12 21.82
N ASN B 9 -38.61 3.93 23.13
CA ASN B 9 -37.59 3.23 23.92
C ASN B 9 -37.52 1.75 23.58
N PRO B 10 -36.41 1.29 23.01
CA PRO B 10 -36.23 -0.12 22.62
C PRO B 10 -36.15 -1.09 23.80
N PHE B 11 -36.02 -0.57 25.01
CA PHE B 11 -35.95 -1.43 26.19
C PHE B 11 -37.31 -1.68 26.78
N VAL B 12 -38.31 -0.96 26.29
CA VAL B 12 -39.68 -1.13 26.79
C VAL B 12 -40.34 -2.28 26.04
N GLY B 13 -41.00 -3.16 26.76
CA GLY B 13 -41.68 -4.28 26.12
C GLY B 13 -40.82 -5.51 25.94
N VAL B 14 -39.56 -5.47 26.41
CA VAL B 14 -38.69 -6.63 26.27
C VAL B 14 -37.87 -6.85 27.53
N THR B 15 -37.18 -7.98 27.57
CA THR B 15 -36.36 -8.33 28.71
C THR B 15 -34.97 -8.68 28.20
N PRO B 16 -33.96 -7.89 28.59
CA PRO B 16 -32.57 -8.12 28.17
C PRO B 16 -32.13 -9.52 28.57
N TRP B 17 -31.52 -10.22 27.61
CA TRP B 17 -31.06 -11.58 27.82
C TRP B 17 -29.69 -11.70 28.46
N ALA B 18 -29.61 -12.43 29.57
CA ALA B 18 -28.34 -12.68 30.24
C ALA B 18 -27.72 -13.84 29.45
N ASN B 19 -26.62 -13.59 28.76
CA ASN B 19 -26.00 -14.62 27.91
C ASN B 19 -25.29 -15.77 28.62
N ALA B 20 -25.15 -16.88 27.90
CA ALA B 20 -24.53 -18.09 28.40
C ALA B 20 -23.02 -17.96 28.56
N TYR B 21 -22.42 -17.10 27.75
CA TYR B 21 -20.98 -16.90 27.80
C TYR B 21 -20.55 -16.39 29.18
N TYR B 22 -21.12 -15.27 29.60
CA TYR B 22 -20.80 -14.70 30.89
C TYR B 22 -21.17 -15.69 32.00
N ALA B 23 -22.36 -16.30 31.88
CA ALA B 23 -22.84 -17.26 32.87
C ALA B 23 -21.85 -18.41 33.05
N SER B 24 -21.28 -18.87 31.94
CA SER B 24 -20.32 -19.96 31.99
C SER B 24 -19.08 -19.50 32.77
N GLU B 25 -18.61 -18.28 32.49
CA GLU B 25 -17.45 -17.74 33.18
C GLU B 25 -17.66 -17.72 34.69
N VAL B 26 -18.83 -17.25 35.12
CA VAL B 26 -19.13 -17.17 36.53
C VAL B 26 -19.24 -18.54 37.19
N SER B 27 -20.03 -19.43 36.58
CA SER B 27 -20.25 -20.75 37.12
C SER B 27 -19.06 -21.71 37.06
N SER B 28 -18.22 -21.55 36.06
CA SER B 28 -17.07 -22.43 35.90
C SER B 28 -15.72 -21.85 36.28
N LEU B 29 -15.59 -20.53 36.26
CA LEU B 29 -14.33 -19.91 36.62
C LEU B 29 -14.38 -19.19 37.97
N ALA B 30 -15.57 -18.79 38.39
CA ALA B 30 -15.69 -18.09 39.66
C ALA B 30 -16.22 -18.95 40.80
N ILE B 31 -17.42 -19.49 40.63
CA ILE B 31 -18.03 -20.30 41.69
C ILE B 31 -17.16 -21.40 42.30
N PRO B 32 -16.47 -22.20 41.47
CA PRO B 32 -15.63 -23.27 42.04
C PRO B 32 -14.63 -22.77 43.09
N SER B 33 -14.30 -21.48 43.03
CA SER B 33 -13.36 -20.88 43.98
C SER B 33 -14.06 -20.15 45.12
N LEU B 34 -15.38 -20.29 45.20
CA LEU B 34 -16.14 -19.61 46.24
C LEU B 34 -16.91 -20.63 47.09
N THR B 35 -17.46 -20.16 48.20
CA THR B 35 -18.22 -21.02 49.09
C THR B 35 -19.32 -20.21 49.77
N GLY B 36 -20.25 -20.92 50.41
CA GLY B 36 -21.35 -20.27 51.11
C GLY B 36 -21.95 -19.06 50.43
N ALA B 37 -22.28 -18.06 51.24
CA ALA B 37 -22.90 -16.82 50.78
C ALA B 37 -22.29 -16.28 49.49
N MET B 38 -20.97 -16.15 49.47
CA MET B 38 -20.29 -15.65 48.27
C MET B 38 -20.60 -16.50 47.04
N ALA B 39 -20.58 -17.82 47.21
CA ALA B 39 -20.87 -18.71 46.10
C ALA B 39 -22.27 -18.48 45.57
N THR B 40 -23.23 -18.38 46.47
CA THR B 40 -24.62 -18.17 46.10
C THR B 40 -24.83 -16.79 45.49
N ALA B 41 -24.18 -15.78 46.05
CA ALA B 41 -24.30 -14.43 45.53
C ALA B 41 -23.83 -14.43 44.08
N ALA B 42 -22.71 -15.10 43.83
CA ALA B 42 -22.13 -15.17 42.49
C ALA B 42 -23.10 -15.76 41.46
N ALA B 43 -23.78 -16.85 41.83
CA ALA B 43 -24.71 -17.49 40.92
C ALA B 43 -25.76 -16.50 40.41
N ALA B 44 -26.19 -15.60 41.30
CA ALA B 44 -27.18 -14.59 40.97
C ALA B 44 -26.63 -13.56 39.99
N VAL B 45 -25.34 -13.22 40.12
CA VAL B 45 -24.73 -12.25 39.22
C VAL B 45 -24.81 -12.77 37.78
N ALA B 46 -24.61 -14.07 37.61
CA ALA B 46 -24.66 -14.69 36.30
C ALA B 46 -26.00 -14.45 35.61
N LYS B 47 -27.01 -14.08 36.39
CA LYS B 47 -28.34 -13.85 35.83
C LYS B 47 -28.66 -12.40 35.51
N VAL B 48 -27.70 -11.50 35.76
CA VAL B 48 -27.90 -10.09 35.45
C VAL B 48 -27.44 -9.90 34.01
N PRO B 49 -28.32 -9.36 33.16
CA PRO B 49 -28.03 -9.11 31.74
C PRO B 49 -26.88 -8.14 31.50
N SER B 50 -25.88 -8.59 30.73
CA SER B 50 -24.74 -7.77 30.38
C SER B 50 -24.52 -7.89 28.88
N PHE B 51 -23.86 -6.91 28.27
CA PHE B 51 -23.61 -6.95 26.83
C PHE B 51 -22.51 -7.94 26.45
N MET B 52 -22.66 -8.55 25.28
CA MET B 52 -21.66 -9.48 24.78
C MET B 52 -20.81 -8.70 23.78
N TRP B 53 -19.50 -8.72 23.98
CA TRP B 53 -18.61 -7.98 23.11
C TRP B 53 -18.16 -8.79 21.91
N LEU B 54 -18.35 -8.19 20.74
CA LEU B 54 -17.95 -8.81 19.48
C LEU B 54 -16.64 -8.15 19.12
N ASP B 55 -15.61 -8.39 19.94
CA ASP B 55 -14.30 -7.78 19.74
C ASP B 55 -13.45 -8.36 18.63
N THR B 56 -13.94 -9.40 17.97
CA THR B 56 -13.22 -10.01 16.86
C THR B 56 -14.27 -10.63 15.95
N LEU B 57 -13.95 -10.82 14.69
CA LEU B 57 -14.90 -11.43 13.77
C LEU B 57 -15.23 -12.82 14.30
N ASP B 58 -14.24 -13.48 14.89
CA ASP B 58 -14.41 -14.82 15.45
C ASP B 58 -15.49 -14.85 16.52
N LYS B 59 -15.95 -13.67 16.93
CA LYS B 59 -17.00 -13.59 17.94
C LYS B 59 -18.40 -13.62 17.34
N THR B 60 -18.50 -13.40 16.03
CA THR B 60 -19.82 -13.40 15.39
C THR B 60 -20.56 -14.72 15.55
N PRO B 61 -19.85 -15.86 15.48
CA PRO B 61 -20.55 -17.14 15.63
C PRO B 61 -21.20 -17.19 17.01
N LEU B 62 -20.58 -16.52 17.97
CA LEU B 62 -21.08 -16.45 19.35
C LEU B 62 -22.35 -15.64 19.38
N MET B 63 -22.39 -14.58 18.56
CA MET B 63 -23.56 -13.73 18.47
C MET B 63 -24.74 -14.55 17.98
N GLU B 64 -24.52 -15.30 16.90
CA GLU B 64 -25.57 -16.14 16.33
C GLU B 64 -26.05 -17.18 17.36
N GLN B 65 -25.10 -17.82 18.04
CA GLN B 65 -25.42 -18.81 19.07
C GLN B 65 -26.34 -18.19 20.12
N THR B 66 -25.99 -17.00 20.58
CA THR B 66 -26.78 -16.29 21.58
C THR B 66 -28.20 -16.00 21.11
N LEU B 67 -28.32 -15.49 19.89
CA LEU B 67 -29.64 -15.18 19.34
C LEU B 67 -30.43 -16.46 19.12
N ALA B 68 -29.72 -17.55 18.88
CA ALA B 68 -30.38 -18.83 18.69
C ALA B 68 -31.05 -19.19 20.02
N ASP B 69 -30.31 -19.02 21.11
CA ASP B 69 -30.85 -19.32 22.44
C ASP B 69 -32.09 -18.46 22.73
N ILE B 70 -32.00 -17.18 22.37
CA ILE B 70 -33.10 -16.26 22.58
C ILE B 70 -34.34 -16.64 21.78
N ARG B 71 -34.15 -17.00 20.52
CA ARG B 71 -35.28 -17.39 19.68
C ARG B 71 -36.01 -18.58 20.29
N THR B 72 -35.24 -19.54 20.80
CA THR B 72 -35.83 -20.71 21.44
C THR B 72 -36.58 -20.30 22.70
N ALA B 73 -35.88 -19.60 23.59
CA ALA B 73 -36.47 -19.16 24.85
C ALA B 73 -37.77 -18.39 24.61
N ASN B 74 -37.82 -17.64 23.52
CA ASN B 74 -39.02 -16.87 23.20
C ASN B 74 -40.12 -17.78 22.62
N LYS B 75 -39.73 -18.90 22.03
CA LYS B 75 -40.69 -19.82 21.44
C LYS B 75 -41.54 -20.51 22.49
N ASN B 76 -41.19 -20.36 23.76
CA ASN B 76 -41.97 -21.00 24.82
C ASN B 76 -42.22 -20.06 25.99
N GLY B 77 -42.84 -18.91 25.70
CA GLY B 77 -43.15 -17.95 26.74
C GLY B 77 -42.14 -16.85 26.96
N GLY B 78 -41.00 -16.93 26.29
CA GLY B 78 -39.98 -15.90 26.46
C GLY B 78 -40.28 -14.62 25.69
N ASN B 79 -39.60 -13.54 26.08
CA ASN B 79 -39.74 -12.24 25.43
C ASN B 79 -38.42 -11.49 25.63
N TYR B 80 -37.33 -12.16 25.27
CA TYR B 80 -36.00 -11.62 25.44
C TYR B 80 -35.42 -10.90 24.22
N ALA B 81 -34.47 -10.01 24.50
CA ALA B 81 -33.77 -9.23 23.49
C ALA B 81 -32.27 -9.48 23.64
N GLY B 82 -31.52 -9.33 22.54
CA GLY B 82 -30.09 -9.54 22.60
C GLY B 82 -29.33 -8.24 22.82
N GLN B 83 -28.14 -8.33 23.43
CA GLN B 83 -27.32 -7.16 23.72
C GLN B 83 -25.87 -7.40 23.27
N PHE B 84 -25.40 -6.59 22.33
CA PHE B 84 -24.03 -6.77 21.82
C PHE B 84 -23.28 -5.47 21.64
N VAL B 85 -21.96 -5.56 21.69
CA VAL B 85 -21.14 -4.39 21.47
C VAL B 85 -20.35 -4.60 20.18
N VAL B 86 -20.39 -3.62 19.28
CA VAL B 86 -19.65 -3.70 18.03
C VAL B 86 -18.32 -3.04 18.38
N TYR B 87 -17.24 -3.81 18.35
CA TYR B 87 -15.94 -3.28 18.75
C TYR B 87 -14.77 -3.93 18.03
N ASP B 88 -14.56 -3.57 16.76
CA ASP B 88 -13.47 -4.17 15.99
C ASP B 88 -12.92 -3.23 14.93
N LEU B 89 -12.93 -1.93 15.21
CA LEU B 89 -12.42 -0.94 14.26
C LEU B 89 -10.96 -1.16 13.90
N PRO B 90 -10.56 -0.79 12.68
CA PRO B 90 -9.15 -0.98 12.32
C PRO B 90 -8.40 0.10 13.10
N ASP B 91 -7.23 -0.23 13.64
CA ASP B 91 -6.46 0.73 14.43
C ASP B 91 -7.30 1.14 15.65
N ARG B 92 -8.00 0.14 16.19
CA ARG B 92 -8.85 0.31 17.36
C ARG B 92 -8.03 0.83 18.53
N ALA B 93 -8.69 1.50 19.48
CA ALA B 93 -8.00 2.04 20.65
C ALA B 93 -6.71 2.75 20.27
N CYS B 94 -6.84 3.77 19.42
CA CYS B 94 -5.70 4.53 18.92
C CYS B 94 -4.84 5.28 19.93
N ALA B 95 -5.35 5.49 21.14
CA ALA B 95 -4.58 6.21 22.15
C ALA B 95 -3.93 5.30 23.18
N ALA B 96 -4.31 4.03 23.17
CA ALA B 96 -3.78 3.05 24.12
C ALA B 96 -2.29 2.78 23.93
N LEU B 97 -1.65 2.32 24.99
CA LEU B 97 -0.23 1.99 24.95
C LEU B 97 -0.06 0.58 24.37
N ALA B 98 -1.16 -0.14 24.26
CA ALA B 98 -1.16 -1.50 23.72
C ALA B 98 -2.54 -1.91 23.23
N SER B 99 -2.59 -2.56 22.08
CA SER B 99 -3.86 -2.99 21.50
C SER B 99 -3.81 -4.41 20.94
N ASN B 100 -4.97 -5.05 20.93
CA ASN B 100 -5.08 -6.41 20.42
C ASN B 100 -5.92 -6.40 19.14
N GLY B 101 -6.39 -5.21 18.77
CA GLY B 101 -7.19 -5.06 17.56
C GLY B 101 -6.62 -5.89 16.42
N GLU B 102 -7.45 -6.72 15.82
CA GLU B 102 -7.00 -7.59 14.74
C GLU B 102 -6.80 -6.92 13.39
N TYR B 103 -7.46 -5.79 13.15
CA TYR B 103 -7.33 -5.10 11.87
C TYR B 103 -6.57 -3.78 11.99
N SER B 104 -5.79 -3.45 10.96
CA SER B 104 -5.04 -2.20 10.92
C SER B 104 -5.33 -1.52 9.60
N ILE B 105 -5.45 -0.19 9.64
CA ILE B 105 -5.76 0.60 8.46
C ILE B 105 -4.78 0.38 7.31
N ALA B 106 -3.49 0.33 7.63
CA ALA B 106 -2.46 0.15 6.61
C ALA B 106 -2.47 -1.24 5.97
N ASP B 107 -3.22 -2.17 6.56
CA ASP B 107 -3.29 -3.54 6.03
C ASP B 107 -4.71 -3.97 5.65
N GLY B 108 -5.35 -3.18 4.80
CA GLY B 108 -6.71 -3.48 4.36
C GLY B 108 -7.72 -3.48 5.49
N GLY B 109 -7.42 -2.74 6.56
CA GLY B 109 -8.31 -2.68 7.71
C GLY B 109 -9.73 -2.20 7.46
N VAL B 110 -9.88 -1.12 6.70
CA VAL B 110 -11.20 -0.58 6.40
C VAL B 110 -12.09 -1.59 5.68
N ALA B 111 -11.54 -2.27 4.68
CA ALA B 111 -12.29 -3.26 3.92
C ALA B 111 -12.68 -4.44 4.81
N LYS B 112 -11.78 -4.83 5.70
CA LYS B 112 -12.06 -5.94 6.59
C LYS B 112 -13.14 -5.56 7.61
N TYR B 113 -13.11 -4.32 8.08
CA TYR B 113 -14.12 -3.88 9.03
C TYR B 113 -15.50 -3.95 8.38
N LYS B 114 -15.58 -3.52 7.13
CA LYS B 114 -16.85 -3.58 6.42
C LYS B 114 -17.37 -5.01 6.30
N ASN B 115 -16.48 -5.97 6.09
CA ASN B 115 -16.91 -7.37 5.99
C ASN B 115 -17.44 -7.80 7.35
N TYR B 116 -16.78 -7.34 8.40
CA TYR B 116 -17.17 -7.61 9.79
C TYR B 116 -18.60 -7.11 10.00
N ILE B 117 -18.87 -5.88 9.57
CA ILE B 117 -20.20 -5.30 9.70
C ILE B 117 -21.19 -6.10 8.84
N ASP B 118 -20.75 -6.51 7.66
CA ASP B 118 -21.62 -7.31 6.78
C ASP B 118 -21.99 -8.61 7.48
N THR B 119 -21.03 -9.20 8.18
CA THR B 119 -21.29 -10.46 8.88
C THR B 119 -22.35 -10.26 9.97
N ILE B 120 -22.28 -9.13 10.65
CA ILE B 120 -23.25 -8.84 11.72
C ILE B 120 -24.62 -8.54 11.12
N ARG B 121 -24.66 -7.76 10.05
CA ARG B 121 -25.92 -7.43 9.42
C ARG B 121 -26.66 -8.70 9.02
N GLN B 122 -25.94 -9.62 8.38
CA GLN B 122 -26.51 -10.89 7.95
C GLN B 122 -27.15 -11.63 9.12
N ILE B 123 -26.46 -11.59 10.26
CA ILE B 123 -26.96 -12.25 11.46
C ILE B 123 -28.25 -11.58 11.96
N VAL B 124 -28.25 -10.24 11.97
CA VAL B 124 -29.41 -9.50 12.44
C VAL B 124 -30.60 -9.67 11.50
N VAL B 125 -30.31 -9.75 10.20
CA VAL B 125 -31.36 -9.95 9.20
C VAL B 125 -31.99 -11.32 9.43
N GLU B 126 -31.16 -12.32 9.66
CA GLU B 126 -31.66 -13.68 9.89
C GLU B 126 -32.57 -13.69 11.12
N TYR B 127 -32.12 -13.00 12.16
CA TYR B 127 -32.87 -12.93 13.41
C TYR B 127 -33.66 -11.63 13.56
N SER B 128 -34.39 -11.29 12.50
CA SER B 128 -35.21 -10.09 12.48
C SER B 128 -36.33 -10.20 13.50
N ASP B 129 -36.53 -11.40 14.03
CA ASP B 129 -37.57 -11.64 15.02
C ASP B 129 -37.12 -11.33 16.44
N ILE B 130 -35.86 -10.92 16.59
CA ILE B 130 -35.35 -10.61 17.92
C ILE B 130 -34.83 -9.19 18.05
N ARG B 131 -35.37 -8.44 19.00
CA ARG B 131 -34.93 -7.07 19.19
C ARG B 131 -33.48 -7.10 19.60
N THR B 132 -32.65 -6.35 18.89
CA THR B 132 -31.23 -6.34 19.16
C THR B 132 -30.73 -4.94 19.51
N LEU B 133 -30.16 -4.85 20.71
CA LEU B 133 -29.63 -3.61 21.25
C LEU B 133 -28.12 -3.63 21.07
N LEU B 134 -27.58 -2.56 20.51
CA LEU B 134 -26.15 -2.48 20.23
C LEU B 134 -25.45 -1.21 20.68
N VAL B 135 -24.20 -1.35 21.09
CA VAL B 135 -23.38 -0.21 21.47
C VAL B 135 -22.32 -0.18 20.36
N ILE B 136 -22.21 0.97 19.70
CA ILE B 136 -21.26 1.10 18.60
C ILE B 136 -19.89 1.69 18.97
N GLU B 137 -18.87 0.87 18.75
CA GLU B 137 -17.46 1.20 18.96
C GLU B 137 -17.05 2.08 20.14
N PRO B 138 -16.95 1.49 21.33
CA PRO B 138 -16.56 2.22 22.54
C PRO B 138 -15.19 2.91 22.35
N ASP B 139 -15.09 4.14 22.87
CA ASP B 139 -13.86 4.93 22.81
C ASP B 139 -13.46 5.60 21.49
N SER B 140 -13.82 5.00 20.36
CA SER B 140 -13.45 5.55 19.06
C SER B 140 -13.67 7.06 18.87
N LEU B 141 -14.93 7.49 18.89
CA LEU B 141 -15.25 8.90 18.71
C LEU B 141 -14.74 9.82 19.82
N ALA B 142 -14.76 9.33 21.06
CA ALA B 142 -14.28 10.14 22.17
C ALA B 142 -12.81 10.44 21.95
N ASN B 143 -12.08 9.48 21.39
CA ASN B 143 -10.66 9.68 21.10
C ASN B 143 -10.46 10.77 20.04
N LEU B 144 -11.39 10.83 19.08
CA LEU B 144 -11.29 11.83 18.02
C LEU B 144 -11.55 13.23 18.53
N VAL B 145 -12.23 13.33 19.67
CA VAL B 145 -12.54 14.64 20.22
C VAL B 145 -11.37 15.23 21.01
N THR B 146 -10.70 14.40 21.82
CA THR B 146 -9.61 14.88 22.67
C THR B 146 -8.20 14.34 22.40
N ASN B 147 -8.08 13.26 21.63
CA ASN B 147 -6.76 12.69 21.40
C ASN B 147 -6.19 12.78 19.99
N LEU B 148 -6.65 13.75 19.22
CA LEU B 148 -6.14 13.92 17.86
C LEU B 148 -4.65 14.27 17.96
N GLY B 149 -4.22 14.65 19.16
CA GLY B 149 -2.83 14.97 19.40
C GLY B 149 -1.98 13.71 19.42
N THR B 150 -2.63 12.55 19.42
CA THR B 150 -1.93 11.27 19.40
C THR B 150 -1.93 10.85 17.93
N PRO B 151 -0.75 10.84 17.29
CA PRO B 151 -0.62 10.46 15.88
C PRO B 151 -1.49 9.30 15.39
N LYS B 152 -1.45 8.17 16.09
CA LYS B 152 -2.26 7.04 15.66
C LYS B 152 -3.73 7.42 15.50
N CYS B 153 -4.24 8.26 16.40
CA CYS B 153 -5.63 8.69 16.32
C CYS B 153 -5.86 9.64 15.16
N ALA B 154 -4.97 10.63 15.03
CA ALA B 154 -5.05 11.60 13.95
C ALA B 154 -5.10 10.86 12.61
N ASN B 155 -4.19 9.92 12.43
CA ASN B 155 -4.13 9.16 11.19
C ASN B 155 -5.31 8.23 11.02
N ALA B 156 -5.98 7.89 12.12
CA ALA B 156 -7.11 6.97 12.06
C ALA B 156 -8.48 7.65 11.89
N GLN B 157 -8.53 8.96 12.05
CA GLN B 157 -9.80 9.69 11.96
C GLN B 157 -10.64 9.37 10.71
N SER B 158 -10.05 9.52 9.54
CA SER B 158 -10.76 9.25 8.30
C SER B 158 -11.35 7.84 8.28
N ALA B 159 -10.52 6.85 8.57
CA ALA B 159 -10.99 5.46 8.59
C ALA B 159 -12.12 5.30 9.59
N TYR B 160 -11.94 5.83 10.80
CA TYR B 160 -12.95 5.76 11.86
C TYR B 160 -14.33 6.23 11.38
N LEU B 161 -14.38 7.44 10.84
CA LEU B 161 -15.64 8.00 10.38
C LEU B 161 -16.27 7.20 9.26
N GLU B 162 -15.45 6.67 8.35
CA GLU B 162 -15.98 5.89 7.24
C GLU B 162 -16.57 4.57 7.77
N CYS B 163 -15.83 3.91 8.65
CA CYS B 163 -16.27 2.64 9.22
C CYS B 163 -17.51 2.78 10.11
N ILE B 164 -17.54 3.80 10.94
CA ILE B 164 -18.69 4.01 11.82
C ILE B 164 -19.93 4.33 11.01
N ASN B 165 -19.75 5.09 9.92
CA ASN B 165 -20.88 5.41 9.07
C ASN B 165 -21.37 4.11 8.42
N TYR B 166 -20.44 3.25 8.04
CA TYR B 166 -20.81 1.98 7.43
C TYR B 166 -21.61 1.13 8.41
N ALA B 167 -21.13 1.04 9.65
CA ALA B 167 -21.80 0.24 10.66
C ALA B 167 -23.21 0.74 10.99
N VAL B 168 -23.33 2.05 11.22
CA VAL B 168 -24.62 2.66 11.57
C VAL B 168 -25.66 2.61 10.45
N THR B 169 -25.22 2.54 9.20
CA THR B 169 -26.14 2.49 8.07
C THR B 169 -26.48 1.03 7.71
N GLN B 170 -25.47 0.17 7.71
CA GLN B 170 -25.68 -1.23 7.40
C GLN B 170 -26.46 -1.96 8.49
N LEU B 171 -26.35 -1.48 9.73
CA LEU B 171 -27.06 -2.14 10.83
C LEU B 171 -28.36 -1.41 11.18
N ASN B 172 -28.76 -0.47 10.32
CA ASN B 172 -29.99 0.30 10.52
C ASN B 172 -31.13 -0.57 10.01
N LEU B 173 -31.64 -1.42 10.90
CA LEU B 173 -32.72 -2.35 10.60
C LEU B 173 -33.86 -2.17 11.60
N PRO B 174 -35.08 -2.62 11.25
CA PRO B 174 -36.29 -2.52 12.06
C PRO B 174 -36.23 -3.12 13.46
N ASN B 175 -35.45 -4.17 13.64
CA ASN B 175 -35.35 -4.82 14.95
C ASN B 175 -34.16 -4.36 15.76
N VAL B 176 -33.42 -3.37 15.24
CA VAL B 176 -32.22 -2.88 15.92
C VAL B 176 -32.34 -1.51 16.59
N ALA B 177 -31.57 -1.33 17.65
CA ALA B 177 -31.50 -0.07 18.37
C ALA B 177 -30.00 0.13 18.65
N MET B 178 -29.43 1.19 18.09
CA MET B 178 -28.01 1.48 18.28
C MET B 178 -27.75 2.70 19.14
N TYR B 179 -26.68 2.61 19.93
CA TYR B 179 -26.26 3.72 20.78
C TYR B 179 -24.77 3.91 20.52
N LEU B 180 -24.40 5.08 20.00
CA LEU B 180 -23.01 5.40 19.71
C LEU B 180 -22.26 5.64 21.00
N ASP B 181 -21.08 5.04 21.14
CA ASP B 181 -20.34 5.27 22.36
C ASP B 181 -19.96 6.73 22.42
N ALA B 182 -20.12 7.33 23.59
CA ALA B 182 -19.86 8.73 23.78
C ALA B 182 -18.99 9.00 25.02
N GLY B 183 -18.08 8.09 25.33
CA GLY B 183 -17.22 8.30 26.48
C GLY B 183 -17.98 8.42 27.79
N HIS B 184 -17.55 9.35 28.64
CA HIS B 184 -18.20 9.56 29.92
C HIS B 184 -17.97 10.98 30.45
N ALA B 185 -18.56 11.27 31.61
CA ALA B 185 -18.47 12.60 32.22
C ALA B 185 -17.05 13.13 32.42
N GLY B 186 -16.12 12.25 32.79
CA GLY B 186 -14.75 12.67 33.02
C GLY B 186 -13.93 12.86 31.75
N TRP B 187 -14.50 12.47 30.62
CA TRP B 187 -13.82 12.58 29.35
C TRP B 187 -14.37 13.75 28.54
N LEU B 188 -15.63 13.63 28.13
CA LEU B 188 -16.27 14.66 27.31
C LEU B 188 -17.22 15.55 28.10
N GLY B 189 -17.25 15.38 29.42
CA GLY B 189 -18.12 16.18 30.26
C GLY B 189 -17.57 17.57 30.52
N TRP B 190 -16.25 17.72 30.48
CA TRP B 190 -15.63 19.02 30.69
C TRP B 190 -16.26 20.01 29.72
N PRO B 191 -16.54 21.24 30.19
CA PRO B 191 -17.15 22.30 29.38
C PRO B 191 -16.62 22.44 27.95
N ALA B 192 -15.30 22.58 27.83
CA ALA B 192 -14.65 22.75 26.53
C ALA B 192 -14.84 21.58 25.57
N ASN B 193 -15.18 20.40 26.10
CA ASN B 193 -15.36 19.22 25.25
C ASN B 193 -16.79 18.95 24.86
N GLN B 194 -17.73 19.53 25.60
CA GLN B 194 -19.14 19.31 25.36
C GLN B 194 -19.62 19.59 23.94
N ASP B 195 -19.40 20.81 23.47
CA ASP B 195 -19.86 21.16 22.13
C ASP B 195 -19.16 20.36 21.03
N PRO B 196 -17.82 20.26 21.06
CA PRO B 196 -17.12 19.49 20.02
C PRO B 196 -17.67 18.07 19.91
N ALA B 197 -17.84 17.43 21.08
CA ALA B 197 -18.37 16.08 21.12
C ALA B 197 -19.77 16.01 20.52
N ALA B 198 -20.68 16.85 20.97
CA ALA B 198 -22.04 16.86 20.46
C ALA B 198 -22.06 17.10 18.95
N GLN B 199 -21.18 17.97 18.50
CA GLN B 199 -21.07 18.31 17.08
C GLN B 199 -20.67 17.06 16.30
N LEU B 200 -19.67 16.33 16.81
CA LEU B 200 -19.20 15.13 16.15
C LEU B 200 -20.28 14.05 16.11
N PHE B 201 -20.94 13.79 17.24
CA PHE B 201 -21.99 12.78 17.27
C PHE B 201 -23.12 13.13 16.31
N ALA B 202 -23.57 14.38 16.35
CA ALA B 202 -24.64 14.82 15.47
C ALA B 202 -24.24 14.67 14.00
N ASN B 203 -22.98 14.99 13.69
CA ASN B 203 -22.50 14.86 12.32
C ASN B 203 -22.54 13.41 11.87
N VAL B 204 -22.19 12.49 12.76
CA VAL B 204 -22.23 11.07 12.42
C VAL B 204 -23.67 10.71 12.07
N TYR B 205 -24.59 11.15 12.91
CA TYR B 205 -26.02 10.90 12.72
C TYR B 205 -26.51 11.42 11.36
N LYS B 206 -26.38 12.74 11.16
CA LYS B 206 -26.83 13.38 9.92
C LYS B 206 -26.12 12.82 8.69
N ASN B 207 -24.80 12.63 8.80
CA ASN B 207 -24.02 12.10 7.69
C ASN B 207 -24.46 10.70 7.27
N ALA B 208 -25.17 10.01 8.14
CA ALA B 208 -25.65 8.66 7.85
C ALA B 208 -27.14 8.68 7.50
N SER B 209 -27.64 9.86 7.12
CA SER B 209 -29.04 10.02 6.77
C SER B 209 -30.01 9.85 7.94
N SER B 210 -29.57 10.24 9.13
CA SER B 210 -30.40 10.14 10.33
C SER B 210 -31.02 8.76 10.50
N PRO B 211 -30.18 7.74 10.68
CA PRO B 211 -30.67 6.36 10.85
C PRO B 211 -31.73 6.22 11.93
N ARG B 212 -32.89 5.72 11.54
CA ARG B 212 -34.00 5.51 12.46
C ARG B 212 -33.66 4.53 13.59
N ALA B 213 -32.72 3.63 13.31
CA ALA B 213 -32.31 2.63 14.30
C ALA B 213 -31.28 3.21 15.27
N LEU B 214 -30.71 4.35 14.92
CA LEU B 214 -29.72 5.00 15.77
C LEU B 214 -30.46 5.81 16.83
N ARG B 215 -30.75 5.17 17.95
CA ARG B 215 -31.49 5.77 19.05
C ARG B 215 -30.77 6.89 19.81
N GLY B 216 -29.45 6.75 19.99
CA GLY B 216 -28.73 7.79 20.70
C GLY B 216 -27.30 7.43 21.10
N LEU B 217 -26.94 7.73 22.35
CA LEU B 217 -25.59 7.47 22.82
C LEU B 217 -25.51 6.62 24.09
N ALA B 218 -24.37 5.95 24.22
CA ALA B 218 -24.10 5.11 25.39
C ALA B 218 -22.96 5.82 26.12
N THR B 219 -23.01 5.82 27.45
CA THR B 219 -21.98 6.47 28.24
C THR B 219 -21.43 5.60 29.37
N ASN B 220 -20.24 5.94 29.85
CA ASN B 220 -19.57 5.22 30.94
C ASN B 220 -19.22 3.76 30.63
N VAL B 221 -19.24 3.38 29.35
CA VAL B 221 -18.90 2.01 28.96
C VAL B 221 -17.48 1.64 29.41
N ALA B 222 -17.38 0.55 30.18
CA ALA B 222 -16.10 0.07 30.71
C ALA B 222 -15.50 1.05 31.71
N ASN B 223 -16.28 2.03 32.13
CA ASN B 223 -15.81 2.98 33.13
C ASN B 223 -16.55 2.83 34.45
N TYR B 224 -16.28 3.72 35.41
CA TYR B 224 -16.86 3.56 36.73
C TYR B 224 -17.62 4.73 37.33
N ASN B 225 -17.89 5.77 36.54
CA ASN B 225 -18.59 6.94 37.05
C ASN B 225 -19.94 6.61 37.68
N GLY B 226 -20.35 7.44 38.63
CA GLY B 226 -21.63 7.23 39.27
C GLY B 226 -22.70 7.78 38.35
N TRP B 227 -23.92 7.27 38.45
CA TRP B 227 -25.00 7.76 37.62
C TRP B 227 -25.54 9.09 38.15
N ASN B 228 -25.99 9.10 39.40
CA ASN B 228 -26.57 10.30 39.99
C ASN B 228 -26.05 10.61 41.40
N ILE B 229 -24.82 10.21 41.70
CA ILE B 229 -24.26 10.49 43.02
C ILE B 229 -24.43 11.98 43.31
N THR B 230 -24.68 12.30 44.58
CA THR B 230 -24.93 13.68 44.99
C THR B 230 -23.77 14.58 45.40
N SER B 231 -22.57 14.02 45.48
CA SER B 231 -21.39 14.80 45.83
C SER B 231 -20.26 14.44 44.88
N PRO B 232 -19.48 15.42 44.43
CA PRO B 232 -18.37 15.18 43.51
C PRO B 232 -17.16 14.48 44.12
N PRO B 233 -16.77 13.32 43.56
CA PRO B 233 -15.61 12.63 44.12
C PRO B 233 -14.40 13.53 43.97
N SER B 234 -13.41 13.35 44.84
CA SER B 234 -12.21 14.17 44.81
C SER B 234 -11.54 14.25 43.44
N TYR B 235 -11.45 13.12 42.75
CA TYR B 235 -10.80 13.07 41.45
C TYR B 235 -11.54 13.76 40.29
N THR B 236 -12.73 14.29 40.55
CA THR B 236 -13.46 14.98 39.49
C THR B 236 -13.25 16.48 39.61
N GLN B 237 -12.36 16.85 40.52
CA GLN B 237 -12.03 18.25 40.78
C GLN B 237 -11.89 19.07 39.51
N GLY B 238 -12.62 20.19 39.45
CA GLY B 238 -12.56 21.06 38.29
C GLY B 238 -13.65 20.85 37.26
N ASN B 239 -14.36 19.73 37.36
CA ASN B 239 -15.44 19.44 36.41
C ASN B 239 -16.80 19.47 37.13
N ALA B 240 -17.66 20.38 36.71
CA ALA B 240 -19.00 20.50 37.31
C ALA B 240 -19.83 19.28 36.96
N VAL B 241 -19.56 18.69 35.80
CA VAL B 241 -20.27 17.49 35.37
C VAL B 241 -19.47 16.31 35.91
N TYR B 242 -19.80 15.90 37.13
CA TYR B 242 -19.08 14.82 37.81
C TYR B 242 -19.76 13.46 37.91
N ASN B 243 -20.91 13.31 37.25
CA ASN B 243 -21.60 12.03 37.24
C ASN B 243 -22.25 11.89 35.86
N GLU B 244 -22.78 10.71 35.56
CA GLU B 244 -23.34 10.49 34.23
C GLU B 244 -24.66 11.20 33.95
N LYS B 245 -25.50 11.36 34.97
CA LYS B 245 -26.77 12.05 34.78
C LYS B 245 -26.52 13.49 34.32
N LEU B 246 -25.57 14.16 34.97
CA LEU B 246 -25.23 15.54 34.60
C LEU B 246 -24.65 15.59 33.20
N TYR B 247 -23.92 14.54 32.82
CA TYR B 247 -23.30 14.49 31.50
C TYR B 247 -24.30 14.37 30.35
N ILE B 248 -25.25 13.44 30.44
CA ILE B 248 -26.22 13.30 29.37
C ILE B 248 -27.19 14.48 29.30
N HIS B 249 -27.49 15.09 30.44
CA HIS B 249 -28.39 16.23 30.44
C HIS B 249 -27.67 17.47 29.94
N ALA B 250 -26.35 17.40 29.85
CA ALA B 250 -25.58 18.53 29.34
C ALA B 250 -25.42 18.39 27.81
N ILE B 251 -25.08 17.19 27.35
CA ILE B 251 -24.88 16.99 25.92
C ILE B 251 -26.16 16.84 25.11
N GLY B 252 -27.20 16.29 25.72
CA GLY B 252 -28.46 16.09 25.03
C GLY B 252 -28.97 17.32 24.27
N PRO B 253 -29.08 18.47 24.93
CA PRO B 253 -29.58 19.67 24.23
C PRO B 253 -28.64 20.09 23.10
N LEU B 254 -27.34 19.93 23.33
CA LEU B 254 -26.34 20.29 22.34
C LEU B 254 -26.52 19.46 21.07
N LEU B 255 -26.92 18.20 21.24
CA LEU B 255 -27.15 17.33 20.09
C LEU B 255 -28.30 17.91 19.26
N ALA B 256 -29.37 18.27 19.96
CA ALA B 256 -30.54 18.85 19.31
C ALA B 256 -30.16 20.14 18.57
N ASN B 257 -29.21 20.89 19.13
CA ASN B 257 -28.77 22.14 18.49
C ASN B 257 -28.03 21.84 17.18
N HIS B 258 -27.37 20.69 17.11
CA HIS B 258 -26.60 20.31 15.93
C HIS B 258 -27.29 19.38 14.95
N GLY B 259 -28.61 19.28 15.02
CA GLY B 259 -29.32 18.44 14.08
C GLY B 259 -29.77 17.09 14.57
N TRP B 260 -29.37 16.69 15.77
CA TRP B 260 -29.80 15.39 16.29
C TRP B 260 -30.81 15.55 17.41
N SER B 261 -32.09 15.60 17.04
CA SER B 261 -33.16 15.73 18.02
C SER B 261 -33.66 14.35 18.43
N ASN B 262 -34.27 14.27 19.60
CA ASN B 262 -34.80 13.02 20.12
C ASN B 262 -33.74 11.93 20.29
N ALA B 263 -32.55 12.32 20.71
CA ALA B 263 -31.48 11.35 20.95
C ALA B 263 -31.62 10.92 22.41
N PHE B 264 -31.51 9.63 22.66
CA PHE B 264 -31.63 9.14 24.04
C PHE B 264 -30.33 8.48 24.49
N PHE B 265 -30.29 8.02 25.73
CA PHE B 265 -29.05 7.43 26.25
C PHE B 265 -29.21 6.16 27.08
N ILE B 266 -28.12 5.41 27.16
CA ILE B 266 -28.04 4.23 28.01
C ILE B 266 -26.71 4.45 28.71
N THR B 267 -26.64 4.07 29.97
CA THR B 267 -25.41 4.27 30.73
C THR B 267 -24.98 3.01 31.46
N ASP B 268 -23.71 2.68 31.32
CA ASP B 268 -23.10 1.51 31.94
C ASP B 268 -22.92 1.79 33.44
N GLN B 269 -23.38 0.86 34.27
CA GLN B 269 -23.24 1.00 35.72
C GLN B 269 -22.77 -0.32 36.33
N GLY B 270 -22.27 -1.20 35.47
CA GLY B 270 -21.80 -2.50 35.90
C GLY B 270 -20.67 -2.48 36.92
N ARG B 271 -19.94 -1.38 37.00
CA ARG B 271 -18.83 -1.29 37.96
C ARG B 271 -18.87 0.07 38.67
N SER B 272 -20.07 0.61 38.84
CA SER B 272 -20.27 1.91 39.47
C SER B 272 -20.92 1.84 40.85
N GLY B 273 -21.13 0.64 41.38
CA GLY B 273 -21.78 0.47 42.66
C GLY B 273 -21.16 1.18 43.86
N LYS B 274 -19.83 1.24 43.91
CA LYS B 274 -19.14 1.89 45.02
C LYS B 274 -18.64 3.27 44.62
N GLN B 275 -19.11 4.29 45.32
CA GLN B 275 -18.75 5.68 45.07
C GLN B 275 -18.41 6.39 46.37
N PRO B 276 -17.27 7.10 46.40
CA PRO B 276 -16.35 7.22 45.27
C PRO B 276 -15.58 5.92 45.03
N THR B 277 -15.03 5.79 43.82
CA THR B 277 -14.26 4.60 43.47
C THR B 277 -12.87 4.71 44.08
N GLY B 278 -11.99 3.79 43.72
CA GLY B 278 -10.63 3.81 44.23
C GLY B 278 -9.69 4.53 43.28
N GLN B 279 -10.25 5.23 42.31
CA GLN B 279 -9.44 5.95 41.33
C GLN B 279 -8.63 7.08 41.97
N GLN B 280 -7.35 7.14 41.62
CA GLN B 280 -6.46 8.17 42.12
C GLN B 280 -6.56 9.34 41.17
N GLN B 281 -6.78 9.01 39.89
CA GLN B 281 -6.94 10.01 38.84
C GLN B 281 -8.13 9.54 38.02
N TRP B 282 -8.98 10.49 37.63
CA TRP B 282 -10.18 10.18 36.86
C TRP B 282 -9.90 9.44 35.56
N GLY B 283 -8.75 9.70 34.97
CA GLY B 283 -8.38 9.06 33.72
C GLY B 283 -7.92 7.62 33.88
N ASP B 284 -7.79 7.15 35.12
CA ASP B 284 -7.36 5.77 35.36
C ASP B 284 -8.54 4.85 35.06
N TRP B 285 -8.37 3.97 34.08
CA TRP B 285 -9.44 3.09 33.63
C TRP B 285 -9.21 1.58 33.74
N CYS B 286 -7.98 1.16 33.95
CA CYS B 286 -7.70 -0.27 34.00
C CYS B 286 -7.87 -0.98 35.33
N ASN B 287 -8.81 -1.93 35.36
CA ASN B 287 -9.11 -2.72 36.55
C ASN B 287 -9.09 -1.90 37.83
N VAL B 288 -9.78 -0.76 37.82
CA VAL B 288 -9.83 0.13 38.97
C VAL B 288 -10.26 -0.56 40.27
N ILE B 289 -9.50 -0.31 41.33
CA ILE B 289 -9.78 -0.91 42.63
C ILE B 289 -10.87 -0.14 43.36
N GLY B 290 -11.48 -0.78 44.37
CA GLY B 290 -12.52 -0.12 45.13
C GLY B 290 -13.79 0.14 44.35
N THR B 291 -14.18 -0.82 43.53
CA THR B 291 -15.41 -0.68 42.73
C THR B 291 -16.34 -1.85 43.02
N GLY B 292 -17.60 -1.71 42.65
CA GLY B 292 -18.54 -2.79 42.87
C GLY B 292 -19.67 -2.78 41.84
N PHE B 293 -20.33 -3.92 41.68
CA PHE B 293 -21.46 -3.99 40.74
C PHE B 293 -22.41 -2.89 41.17
N GLY B 294 -23.08 -2.24 40.22
CA GLY B 294 -23.98 -1.16 40.58
C GLY B 294 -25.43 -1.33 40.18
N ILE B 295 -26.12 -0.20 40.01
CA ILE B 295 -27.53 -0.18 39.60
C ILE B 295 -27.79 -1.28 38.57
N ARG B 296 -28.77 -2.13 38.84
CA ARG B 296 -29.08 -3.23 37.93
C ARG B 296 -29.71 -2.73 36.63
N PRO B 297 -29.49 -3.46 35.53
CA PRO B 297 -30.07 -3.05 34.25
C PRO B 297 -31.58 -2.88 34.39
N SER B 298 -32.11 -1.76 33.90
CA SER B 298 -33.55 -1.51 33.97
C SER B 298 -34.00 -0.32 33.13
N ALA B 299 -35.14 -0.48 32.47
CA ALA B 299 -35.71 0.56 31.63
C ALA B 299 -36.43 1.60 32.50
N ASN B 300 -36.63 1.30 33.77
CA ASN B 300 -37.29 2.25 34.67
C ASN B 300 -36.19 3.08 35.31
N THR B 301 -35.74 4.10 34.57
CA THR B 301 -34.66 4.96 34.98
C THR B 301 -35.03 6.21 35.77
N GLY B 302 -36.32 6.55 35.81
CA GLY B 302 -36.72 7.75 36.51
C GLY B 302 -35.99 8.95 35.93
N ASP B 303 -35.73 8.91 34.64
CA ASP B 303 -35.02 9.99 33.96
C ASP B 303 -35.58 10.19 32.56
N SER B 304 -35.75 11.45 32.15
CA SER B 304 -36.30 11.78 30.84
C SER B 304 -35.45 11.35 29.64
N LEU B 305 -34.13 11.34 29.80
CA LEU B 305 -33.24 10.99 28.70
C LEU B 305 -32.64 9.57 28.71
N LEU B 306 -32.58 8.94 29.88
CA LEU B 306 -32.00 7.60 29.95
C LEU B 306 -33.00 6.50 29.60
N ASP B 307 -32.77 5.83 28.46
CA ASP B 307 -33.66 4.75 28.06
C ASP B 307 -33.52 3.59 29.02
N SER B 308 -32.31 3.38 29.52
CA SER B 308 -32.06 2.27 30.44
C SER B 308 -30.68 2.26 31.07
N PHE B 309 -30.60 1.67 32.26
CA PHE B 309 -29.32 1.49 32.93
C PHE B 309 -28.90 0.17 32.30
N VAL B 310 -27.60 -0.02 32.07
CA VAL B 310 -27.13 -1.25 31.47
C VAL B 310 -25.78 -1.66 32.05
N TRP B 311 -25.38 -2.89 31.74
CA TRP B 311 -24.07 -3.41 32.16
C TRP B 311 -23.43 -3.80 30.84
N VAL B 312 -22.64 -2.89 30.27
CA VAL B 312 -22.01 -3.15 28.99
C VAL B 312 -20.72 -3.95 29.18
N LYS B 313 -19.82 -3.42 30.01
CA LYS B 313 -18.58 -4.10 30.32
C LYS B 313 -18.91 -5.15 31.38
N PRO B 314 -18.70 -6.44 31.08
CA PRO B 314 -19.00 -7.50 32.05
C PRO B 314 -18.02 -7.54 33.21
N GLY B 315 -18.49 -7.23 34.40
CA GLY B 315 -17.63 -7.23 35.57
C GLY B 315 -17.04 -8.60 35.78
N GLY B 316 -15.71 -8.68 35.81
CA GLY B 316 -15.03 -9.95 35.99
C GLY B 316 -14.06 -10.15 34.84
N GLU B 317 -14.41 -9.61 33.67
CA GLU B 317 -13.56 -9.70 32.49
C GLU B 317 -12.53 -8.57 32.58
N CYS B 318 -11.26 -8.95 32.48
CA CYS B 318 -10.16 -8.01 32.60
C CYS B 318 -10.11 -6.89 31.56
N ASP B 319 -9.54 -5.75 31.96
CA ASP B 319 -9.39 -4.59 31.06
C ASP B 319 -8.03 -4.63 30.36
N GLY B 320 -7.07 -5.33 30.96
CA GLY B 320 -5.73 -5.40 30.39
C GLY B 320 -4.78 -6.04 31.38
N THR B 321 -3.63 -6.49 30.91
CA THR B 321 -2.68 -7.15 31.79
C THR B 321 -1.66 -6.21 32.45
N SER B 322 -1.27 -6.55 33.67
CA SER B 322 -0.28 -5.79 34.43
C SER B 322 1.06 -6.51 34.32
N ASP B 323 1.08 -7.60 33.55
CA ASP B 323 2.28 -8.39 33.36
C ASP B 323 3.21 -7.72 32.36
N SER B 324 4.26 -7.08 32.87
CA SER B 324 5.23 -6.36 32.04
C SER B 324 6.01 -7.24 31.07
N SER B 325 6.00 -8.55 31.29
CA SER B 325 6.72 -9.46 30.42
C SER B 325 5.79 -10.11 29.42
N ALA B 326 4.52 -9.71 29.45
CA ALA B 326 3.52 -10.25 28.54
C ALA B 326 3.25 -9.27 27.41
N PRO B 327 2.87 -9.78 26.23
CA PRO B 327 2.58 -8.89 25.11
C PRO B 327 1.33 -8.09 25.44
N ARG B 328 1.26 -6.86 24.93
CA ARG B 328 0.13 -5.97 25.15
C ARG B 328 0.09 -5.38 26.55
N PHE B 329 1.19 -5.51 27.30
CA PHE B 329 1.23 -4.94 28.63
C PHE B 329 0.91 -3.45 28.53
N ASP B 330 -0.01 -2.99 29.37
CA ASP B 330 -0.40 -1.59 29.35
C ASP B 330 -0.04 -0.96 30.69
N SER B 331 0.84 0.03 30.65
CA SER B 331 1.28 0.73 31.85
C SER B 331 0.12 1.20 32.74
N HIS B 332 -1.01 1.55 32.13
CA HIS B 332 -2.16 1.99 32.93
C HIS B 332 -2.64 0.86 33.85
N CYS B 333 -2.35 -0.37 33.47
CA CYS B 333 -2.77 -1.51 34.28
C CYS B 333 -1.76 -1.87 35.38
N ALA B 334 -0.73 -1.05 35.52
CA ALA B 334 0.29 -1.29 36.54
C ALA B 334 0.25 -0.20 37.62
N LEU B 335 -0.64 0.77 37.43
CA LEU B 335 -0.79 1.87 38.38
C LEU B 335 -1.29 1.40 39.76
N PRO B 336 -1.00 2.17 40.82
CA PRO B 336 -1.44 1.78 42.15
C PRO B 336 -2.95 1.55 42.32
N ASP B 337 -3.78 2.21 41.52
CA ASP B 337 -5.22 2.02 41.64
C ASP B 337 -5.77 0.96 40.69
N ALA B 338 -4.87 0.14 40.15
CA ALA B 338 -5.24 -0.95 39.25
C ALA B 338 -4.93 -2.26 39.98
N LEU B 339 -5.91 -3.14 40.11
CA LEU B 339 -5.70 -4.40 40.82
C LEU B 339 -4.65 -5.29 40.15
N GLN B 340 -3.76 -5.85 40.98
CA GLN B 340 -2.67 -6.73 40.52
C GLN B 340 -2.83 -8.10 41.17
N PRO B 341 -2.43 -9.17 40.46
CA PRO B 341 -1.87 -9.13 39.11
C PRO B 341 -3.03 -9.33 38.14
N ALA B 342 -3.01 -8.64 37.01
CA ALA B 342 -4.10 -8.74 36.04
C ALA B 342 -3.73 -9.52 34.79
N PRO B 343 -4.66 -10.35 34.29
CA PRO B 343 -4.44 -11.15 33.08
C PRO B 343 -4.73 -10.35 31.82
N GLN B 344 -4.57 -10.99 30.67
CA GLN B 344 -4.83 -10.35 29.39
C GLN B 344 -6.25 -9.78 29.37
N ALA B 345 -6.46 -8.76 28.55
CA ALA B 345 -7.76 -8.12 28.42
C ALA B 345 -8.82 -9.11 27.96
N GLY B 346 -9.97 -9.10 28.63
CA GLY B 346 -11.04 -10.00 28.25
C GLY B 346 -11.03 -11.33 28.98
N ALA B 347 -9.89 -11.68 29.55
CA ALA B 347 -9.76 -12.94 30.29
C ALA B 347 -10.40 -12.78 31.67
N TRP B 348 -10.80 -13.89 32.27
CA TRP B 348 -11.42 -13.81 33.59
C TRP B 348 -10.41 -13.41 34.66
N PHE B 349 -10.80 -12.41 35.45
CA PHE B 349 -9.96 -11.89 36.53
C PHE B 349 -10.73 -12.16 37.82
N GLN B 350 -10.54 -13.36 38.36
CA GLN B 350 -11.22 -13.82 39.57
C GLN B 350 -11.21 -12.82 40.73
N ALA B 351 -10.02 -12.35 41.10
CA ALA B 351 -9.90 -11.40 42.19
C ALA B 351 -10.74 -10.15 41.95
N TYR B 352 -10.83 -9.70 40.70
CA TYR B 352 -11.60 -8.51 40.40
C TYR B 352 -13.09 -8.81 40.54
N PHE B 353 -13.50 -10.01 40.12
CA PHE B 353 -14.90 -10.40 40.24
C PHE B 353 -15.28 -10.37 41.72
N VAL B 354 -14.41 -10.93 42.56
CA VAL B 354 -14.67 -10.97 44.00
C VAL B 354 -14.80 -9.56 44.57
N GLN B 355 -13.95 -8.64 44.11
CA GLN B 355 -14.01 -7.26 44.57
C GLN B 355 -15.35 -6.65 44.20
N LEU B 356 -15.78 -6.89 42.96
CA LEU B 356 -17.06 -6.35 42.50
C LEU B 356 -18.24 -6.90 43.31
N LEU B 357 -18.22 -8.21 43.53
CA LEU B 357 -19.30 -8.87 44.26
C LEU B 357 -19.34 -8.35 45.69
N THR B 358 -18.19 -8.33 46.34
CA THR B 358 -18.09 -7.84 47.71
C THR B 358 -18.60 -6.42 47.85
N ASN B 359 -18.26 -5.55 46.91
CA ASN B 359 -18.68 -4.15 46.99
C ASN B 359 -19.98 -3.86 46.24
N ALA B 360 -20.69 -4.90 45.84
CA ALA B 360 -21.94 -4.75 45.09
C ALA B 360 -22.97 -3.87 45.79
N ASN B 361 -23.62 -3.01 45.02
CA ASN B 361 -24.64 -2.09 45.53
C ASN B 361 -25.63 -1.68 44.42
N PRO B 362 -26.85 -2.23 44.43
CA PRO B 362 -27.43 -3.21 45.37
C PRO B 362 -26.56 -4.46 45.59
N SER B 363 -26.63 -4.98 46.81
CA SER B 363 -25.86 -6.15 47.20
C SER B 363 -26.47 -7.45 46.65
N PHE B 364 -25.63 -8.46 46.50
CA PHE B 364 -26.06 -9.77 46.04
C PHE B 364 -26.01 -10.68 47.26
N LEU B 365 -25.13 -10.32 48.20
CA LEU B 365 -24.97 -11.06 49.45
C LEU B 365 -26.13 -10.71 50.38
#